data_5M02
#
_entry.id   5M02
#
_cell.length_a   255.110
_cell.length_b   46.500
_cell.length_c   89.020
_cell.angle_alpha   90.00
_cell.angle_beta   94.60
_cell.angle_gamma   90.00
#
_symmetry.space_group_name_H-M   'C 1 2 1'
#
loop_
_entity.id
_entity.type
_entity.pdbx_description
1 polymer 'H-2 class I histocompatibility antigen, D-B alpha chain'
2 polymer Beta-2-microglobulin
3 polymer 'Protein Trav14-1,T-cell receptor alpha chain C region'
4 polymer 'T-cell receptor beta chain V region C5,T-cell receptor beta-2 chain C region'
5 polymer 'LCMV-DERIVED GP33 ALTERED PEPTIDE LIGAND PF'
6 non-polymer GLYCEROL
7 water water
#
loop_
_entity_poly.entity_id
_entity_poly.type
_entity_poly.pdbx_seq_one_letter_code
_entity_poly.pdbx_strand_id
1 'polypeptide(L)'
;GPHSMRYFETAVSRPGLEEPRYISVGYVDNKEFVRFDSDAENPRYEPRAPWMEQEGPEYWERETQKAKGQEQWFRVSLRN
LLGYYNQSAGGSHTLQQMSGCDLGSDWRLLRGYLQFAYEGRDYIALNEDLKTWTAADMAAQITRRKWEQSGAAEHYKAYL
EGECVEWLHRYLKNGNATLLRTDSPKAHVTHHPRSKGEVTLRCWALGFYPADITLTWQLNGEELTQDMELVETRPAGDGT
FQKWASVVVPLGKEQNYTCRVYHEGLPEPLTLRWEP
;
A
2 'polypeptide(L)'
;MARSVTLVFLVLVSLTGLMGIQKTPQIQVYSRHPPENGKPNILNCYVTQFHPPHIEIQMLKNGKKIPKVEMSDMSFSKDW
SFYILAHTEFTPTETDTYACRVKHDSMAEPKTVYWDRDM
;
B
3 'polypeptide(L)'
;QQKEKHDQQQVRQSPQSLTVWEGGTTVLTCSYEDSTFNYFPWYQQFPGEGPALLISILSVSDKKEDGRFTTFFNKREKKL
SLHIIDSQPGDSATYFCAALYGNEKITFGAGTKLTIKPNIQNPEPAVYQLKDPRSQDSTLCLFTDFDSQINVPKTMESGT
FITDKCVLDMKAMDSKSNGAIAWSNQTSFTCQDIFKETNATYPSS
;
G
4 'polypeptide(L)'
;AVTQSPRSKVAVTGGKVTLSCHQTNNHDYMYWYRQDTGHGLRLIHYSYVADSTEKGDIPDGYKASRPSQENFSLILELAS
LSQTAVYFCASSDAGGRNTLYFGAGTRLSVLEDLRNVTPPKVSLFEPSKAEIANKQKATLVCLARGFFPDHVELSWWVNG
KEVHSGVCTDPQAYKESNYSYSLSSRLRVSATFWHNPRNHFRCQVQFHGLSEEDKWPEGSPKPVTQNISAEAWGRADC
;
H
5 'polypeptide(L)' KAPFNFATM P
#
loop_
_chem_comp.id
_chem_comp.type
_chem_comp.name
_chem_comp.formula
GOL non-polymer GLYCEROL 'C3 H8 O3'
#
# COMPACT_ATOMS: atom_id res chain seq x y z
N GLY A 1 -25.67 27.29 -0.58
CA GLY A 1 -24.57 27.34 0.44
C GLY A 1 -23.62 26.19 0.23
N PRO A 2 -22.53 26.16 1.02
CA PRO A 2 -21.53 25.15 0.74
C PRO A 2 -21.96 23.79 1.33
N HIS A 3 -21.14 22.77 1.09
CA HIS A 3 -21.30 21.48 1.71
C HIS A 3 -19.91 21.02 2.10
N SER A 4 -19.84 20.05 3.00
CA SER A 4 -18.56 19.54 3.41
C SER A 4 -18.64 18.05 3.70
N MET A 5 -17.51 17.39 3.54
CA MET A 5 -17.31 16.03 4.02
C MET A 5 -16.03 16.02 4.84
N ARG A 6 -16.06 15.29 5.95
CA ARG A 6 -14.85 15.12 6.77
C ARG A 6 -14.79 13.71 7.27
N TYR A 7 -13.58 13.19 7.35
CA TYR A 7 -13.28 11.98 8.10
C TYR A 7 -12.32 12.38 9.22
N PHE A 8 -12.71 12.07 10.45
CA PHE A 8 -11.93 12.33 11.65
C PHE A 8 -11.52 10.97 12.18
N GLU A 9 -10.21 10.75 12.27
CA GLU A 9 -9.65 9.47 12.68
C GLU A 9 -8.75 9.67 13.88
N THR A 10 -8.76 8.69 14.78
CA THR A 10 -7.91 8.67 15.96
C THR A 10 -7.33 7.26 16.12
N ALA A 11 -6.06 7.18 16.47
CA ALA A 11 -5.41 5.96 16.96
C ALA A 11 -4.74 6.28 18.28
N VAL A 12 -5.03 5.46 19.28
CA VAL A 12 -4.47 5.62 20.63
C VAL A 12 -3.75 4.35 20.99
N SER A 13 -2.45 4.47 21.21
CA SER A 13 -1.66 3.29 21.59
C SER A 13 -1.96 2.93 23.03
N ARG A 14 -1.79 1.65 23.33
CA ARG A 14 -2.12 1.13 24.65
C ARG A 14 -0.87 0.44 25.18
N PRO A 15 -0.48 0.74 26.42
CA PRO A 15 0.80 0.25 26.96
C PRO A 15 0.95 -1.27 27.11
N GLY A 16 -0.14 -2.02 27.17
CA GLY A 16 -0.01 -3.47 27.32
C GLY A 16 0.11 -4.21 25.99
N LEU A 17 -0.50 -5.39 25.93
CA LEU A 17 -0.43 -6.23 24.74
C LEU A 17 -1.28 -5.75 23.58
N GLU A 18 -2.27 -4.89 23.83
CA GLU A 18 -3.22 -4.54 22.80
C GLU A 18 -2.61 -3.61 21.76
N GLU A 19 -3.08 -3.79 20.54
CA GLU A 19 -2.81 -2.90 19.44
C GLU A 19 -3.51 -1.56 19.70
N PRO A 20 -3.14 -0.52 18.96
CA PRO A 20 -3.82 0.75 19.18
C PRO A 20 -5.34 0.68 18.93
N ARG A 21 -6.08 1.50 19.67
CA ARG A 21 -7.48 1.68 19.40
C ARG A 21 -7.58 2.63 18.20
N TYR A 22 -8.33 2.22 17.18
CA TYR A 22 -8.48 3.02 15.95
C TYR A 22 -9.96 3.29 15.73
N ILE A 23 -10.31 4.57 15.59
CA ILE A 23 -11.70 4.95 15.36
C ILE A 23 -11.71 5.92 14.17
N SER A 24 -12.66 5.73 13.25
CA SER A 24 -12.83 6.65 12.09
C SER A 24 -14.31 7.06 12.01
N VAL A 25 -14.58 8.35 11.89
CA VAL A 25 -15.94 8.87 11.84
C VAL A 25 -16.02 9.74 10.61
N GLY A 26 -17.02 9.50 9.79
CA GLY A 26 -17.30 10.32 8.59
C GLY A 26 -18.45 11.25 8.93
N TYR A 27 -18.41 12.46 8.38
CA TYR A 27 -19.42 13.50 8.50
C TYR A 27 -19.72 14.09 7.12
N VAL A 28 -20.99 14.34 6.87
CA VAL A 28 -21.44 15.11 5.71
C VAL A 28 -22.20 16.27 6.29
N ASP A 29 -21.80 17.47 5.91
CA ASP A 29 -22.40 18.71 6.46
C ASP A 29 -22.50 18.66 7.98
N ASN A 30 -21.44 18.17 8.63
CA ASN A 30 -21.32 18.04 10.09
C ASN A 30 -22.23 16.99 10.74
N LYS A 31 -22.86 16.12 9.96
CA LYS A 31 -23.68 15.04 10.52
C LYS A 31 -22.94 13.75 10.34
N GLU A 32 -22.78 13.03 11.45
CA GLU A 32 -22.10 11.78 11.43
C GLU A 32 -22.88 10.81 10.53
N PHE A 33 -22.19 10.15 9.60
CA PHE A 33 -22.83 9.21 8.66
C PHE A 33 -22.23 7.81 8.55
N VAL A 34 -20.97 7.64 8.96
CA VAL A 34 -20.34 6.34 9.07
C VAL A 34 -19.38 6.33 10.25
N ARG A 35 -19.16 5.15 10.82
CA ARG A 35 -18.21 5.00 11.90
C ARG A 35 -17.58 3.59 11.84
N PHE A 36 -16.27 3.54 12.10
CA PHE A 36 -15.52 2.31 12.33
C PHE A 36 -14.83 2.40 13.71
N ASP A 37 -14.89 1.34 14.49
CA ASP A 37 -14.22 1.26 15.78
C ASP A 37 -13.58 -0.11 15.95
N SER A 38 -12.26 -0.11 16.07
CA SER A 38 -11.48 -1.37 16.22
C SER A 38 -11.85 -2.18 17.46
N ASP A 39 -12.45 -1.54 18.48
CA ASP A 39 -12.88 -2.23 19.70
C ASP A 39 -14.24 -2.90 19.59
N ALA A 40 -14.97 -2.70 18.49
CA ALA A 40 -16.29 -3.32 18.33
C ALA A 40 -16.16 -4.83 18.26
N GLU A 41 -17.23 -5.54 18.65
CA GLU A 41 -17.23 -7.00 18.55
C GLU A 41 -16.95 -7.44 17.12
N ASN A 42 -17.60 -6.77 16.16
CA ASN A 42 -17.35 -7.02 14.75
C ASN A 42 -16.83 -5.73 14.11
N PRO A 43 -15.51 -5.49 14.14
CA PRO A 43 -15.08 -4.14 13.69
C PRO A 43 -15.25 -3.95 12.20
N ARG A 44 -16.13 -3.03 11.83
CA ARG A 44 -16.49 -2.76 10.44
CA ARG A 44 -16.43 -2.73 10.44
C ARG A 44 -17.04 -1.35 10.35
N TYR A 45 -16.94 -0.73 9.19
CA TYR A 45 -17.68 0.50 9.00
C TYR A 45 -19.18 0.21 9.06
N GLU A 46 -19.91 1.08 9.73
CA GLU A 46 -21.36 0.98 9.89
C GLU A 46 -22.02 2.28 9.50
N PRO A 47 -23.22 2.20 8.90
CA PRO A 47 -23.99 3.42 8.61
C PRO A 47 -24.47 4.09 9.90
N ARG A 48 -24.45 5.41 9.91
CA ARG A 48 -24.87 6.19 11.08
C ARG A 48 -25.96 7.19 10.75
N ALA A 49 -26.34 7.26 9.49
CA ALA A 49 -27.51 8.03 9.07
C ALA A 49 -28.29 7.14 8.09
N PRO A 50 -29.64 7.22 8.11
CA PRO A 50 -30.47 6.24 7.37
C PRO A 50 -30.26 6.20 5.85
N TRP A 51 -29.85 7.32 5.28
CA TRP A 51 -29.56 7.42 3.86
C TRP A 51 -28.30 6.64 3.36
N MET A 52 -27.40 6.25 4.26
CA MET A 52 -26.30 5.36 3.89
C MET A 52 -26.76 3.94 3.60
N GLU A 53 -28.02 3.62 3.89
CA GLU A 53 -28.57 2.34 3.50
C GLU A 53 -28.72 2.17 1.95
N GLN A 54 -28.46 3.21 1.16
CA GLN A 54 -28.41 3.06 -0.28
C GLN A 54 -27.18 2.31 -0.80
N GLU A 55 -26.16 2.15 0.04
CA GLU A 55 -24.93 1.52 -0.40
C GLU A 55 -25.02 0.01 -0.22
N GLY A 56 -24.51 -0.74 -1.20
CA GLY A 56 -24.50 -2.20 -1.17
C GLY A 56 -23.39 -2.78 -0.27
N PRO A 57 -23.36 -4.11 -0.13
CA PRO A 57 -22.41 -4.75 0.77
C PRO A 57 -20.94 -4.50 0.38
N GLU A 58 -20.68 -4.34 -0.93
CA GLU A 58 -19.35 -4.07 -1.45
CA GLU A 58 -19.32 -4.11 -1.42
C GLU A 58 -18.78 -2.80 -0.84
N TYR A 59 -19.65 -1.79 -0.70
CA TYR A 59 -19.27 -0.53 -0.08
C TYR A 59 -18.72 -0.77 1.30
N TRP A 60 -19.49 -1.46 2.13
CA TRP A 60 -19.11 -1.73 3.52
C TRP A 60 -17.88 -2.65 3.65
N GLU A 61 -17.80 -3.67 2.79
CA GLU A 61 -16.66 -4.60 2.83
CA GLU A 61 -16.68 -4.62 2.81
C GLU A 61 -15.37 -3.87 2.48
N ARG A 62 -15.39 -3.12 1.39
CA ARG A 62 -14.18 -2.42 0.94
C ARG A 62 -13.80 -1.24 1.80
N GLU A 63 -14.79 -0.54 2.35
CA GLU A 63 -14.46 0.50 3.32
C GLU A 63 -13.87 -0.10 4.59
N THR A 64 -14.44 -1.22 5.02
CA THR A 64 -13.86 -1.96 6.14
C THR A 64 -12.40 -2.39 5.88
N GLN A 65 -12.13 -2.93 4.71
CA GLN A 65 -10.77 -3.25 4.34
C GLN A 65 -9.85 -2.02 4.36
N LYS A 66 -10.35 -0.88 3.86
CA LYS A 66 -9.61 0.37 3.93
C LYS A 66 -9.24 0.73 5.37
N ALA A 67 -10.22 0.65 6.29
CA ALA A 67 -9.98 0.91 7.70
C ALA A 67 -8.94 -0.03 8.30
N LYS A 68 -8.95 -1.31 7.90
CA LYS A 68 -7.95 -2.26 8.39
C LYS A 68 -6.53 -1.83 7.93
N GLY A 69 -6.41 -1.32 6.69
CA GLY A 69 -5.12 -0.76 6.21
C GLY A 69 -4.72 0.49 7.00
N GLN A 70 -5.67 1.37 7.29
CA GLN A 70 -5.43 2.60 8.06
C GLN A 70 -4.96 2.23 9.45
N GLU A 71 -5.58 1.19 10.02
CA GLU A 71 -5.21 0.75 11.34
C GLU A 71 -3.71 0.40 11.42
N GLN A 72 -3.22 -0.32 10.40
CA GLN A 72 -1.80 -0.66 10.35
C GLN A 72 -0.95 0.58 10.13
N TRP A 73 -1.40 1.48 9.25
CA TRP A 73 -0.70 2.72 8.98
C TRP A 73 -0.54 3.54 10.28
N PHE A 74 -1.62 3.62 11.07
CA PHE A 74 -1.55 4.34 12.32
C PHE A 74 -0.66 3.66 13.33
N ARG A 75 -0.67 2.34 13.36
CA ARG A 75 0.18 1.60 14.27
C ARG A 75 1.65 1.89 14.02
N VAL A 76 2.05 1.77 12.74
CA VAL A 76 3.43 2.06 12.38
C VAL A 76 3.81 3.52 12.64
N SER A 77 2.91 4.42 12.27
CA SER A 77 3.14 5.86 12.46
C SER A 77 3.32 6.20 13.95
N LEU A 78 2.48 5.64 14.80
CA LEU A 78 2.66 5.83 16.24
C LEU A 78 4.02 5.33 16.70
N ARG A 79 4.43 4.16 16.21
CA ARG A 79 5.72 3.61 16.65
C ARG A 79 6.85 4.51 16.18
N ASN A 80 6.74 5.01 14.94
CA ASN A 80 7.75 5.90 14.41
C ASN A 80 7.85 7.19 15.20
N LEU A 81 6.70 7.76 15.57
CA LEU A 81 6.69 8.99 16.38
C LEU A 81 7.33 8.78 17.76
N LEU A 82 7.07 7.64 18.35
CA LEU A 82 7.67 7.30 19.64
C LEU A 82 9.20 7.44 19.57
N GLY A 83 9.80 6.94 18.50
CA GLY A 83 11.23 7.11 18.25
C GLY A 83 11.66 8.54 17.99
N TYR A 84 10.91 9.24 17.15
CA TYR A 84 11.25 10.65 16.84
C TYR A 84 11.30 11.53 18.07
N TYR A 85 10.38 11.32 19.01
CA TYR A 85 10.31 12.12 20.22
C TYR A 85 11.07 11.52 21.41
N ASN A 86 11.66 10.34 21.22
CA ASN A 86 12.41 9.65 22.26
C ASN A 86 11.55 9.35 23.49
N GLN A 87 10.33 8.86 23.25
CA GLN A 87 9.37 8.57 24.32
C GLN A 87 9.51 7.10 24.75
N SER A 88 9.21 6.82 26.02
CA SER A 88 9.37 5.49 26.63
C SER A 88 8.26 4.53 26.19
N ALA A 89 8.47 3.23 26.43
CA ALA A 89 7.62 2.19 25.83
C ALA A 89 6.20 2.10 26.41
N GLY A 90 6.05 2.35 27.71
CA GLY A 90 4.82 2.02 28.43
C GLY A 90 3.84 3.13 28.67
N GLY A 91 3.75 4.09 27.74
CA GLY A 91 2.75 5.14 27.83
C GLY A 91 1.67 4.94 26.75
N SER A 92 0.73 5.88 26.71
CA SER A 92 -0.32 5.87 25.72
C SER A 92 -0.21 7.19 24.97
N HIS A 93 -0.31 7.11 23.64
CA HIS A 93 -0.12 8.26 22.79
C HIS A 93 -1.22 8.31 21.75
N THR A 94 -1.58 9.53 21.32
CA THR A 94 -2.70 9.78 20.43
C THR A 94 -2.30 10.45 19.14
N LEU A 95 -2.63 9.82 18.02
CA LEU A 95 -2.49 10.40 16.71
C LEU A 95 -3.87 10.58 16.12
N GLN A 96 -4.12 11.77 15.58
CA GLN A 96 -5.41 12.10 14.99
C GLN A 96 -5.24 12.69 13.59
N GLN A 97 -6.27 12.53 12.78
CA GLN A 97 -6.27 13.02 11.41
C GLN A 97 -7.65 13.63 11.14
N MET A 98 -7.65 14.74 10.39
CA MET A 98 -8.81 15.30 9.77
C MET A 98 -8.56 15.46 8.29
N SER A 99 -9.52 14.97 7.49
CA SER A 99 -9.40 15.00 6.04
C SER A 99 -10.77 15.33 5.46
N GLY A 100 -10.79 15.94 4.30
CA GLY A 100 -12.04 16.14 3.61
C GLY A 100 -12.04 17.35 2.69
N CYS A 101 -13.23 17.73 2.29
CA CYS A 101 -13.40 18.72 1.27
C CYS A 101 -14.58 19.65 1.59
N ASP A 102 -14.47 20.88 1.10
CA ASP A 102 -15.60 21.83 1.10
C ASP A 102 -15.95 22.05 -0.36
N LEU A 103 -17.23 21.99 -0.67
CA LEU A 103 -17.78 21.96 -2.02
C LEU A 103 -18.84 23.05 -2.11
N GLY A 104 -18.79 23.86 -3.19
CA GLY A 104 -19.84 24.83 -3.47
C GLY A 104 -21.08 24.21 -4.03
N SER A 105 -22.13 25.01 -4.17
CA SER A 105 -23.39 24.54 -4.74
C SER A 105 -23.28 24.28 -6.26
N ASP A 106 -22.18 24.75 -6.86
CA ASP A 106 -21.81 24.43 -8.26
C ASP A 106 -20.92 23.15 -8.34
N TRP A 107 -20.72 22.46 -7.22
CA TRP A 107 -19.95 21.21 -7.14
C TRP A 107 -18.44 21.43 -7.45
N ARG A 108 -17.94 22.62 -7.16
CA ARG A 108 -16.52 22.94 -7.28
CA ARG A 108 -16.50 22.92 -7.28
C ARG A 108 -15.84 22.78 -5.93
N LEU A 109 -14.67 22.16 -5.92
CA LEU A 109 -13.91 22.04 -4.70
C LEU A 109 -13.45 23.45 -4.27
N LEU A 110 -13.81 23.86 -3.05
CA LEU A 110 -13.37 25.12 -2.51
C LEU A 110 -12.12 25.01 -1.70
N ARG A 111 -11.96 23.90 -0.98
CA ARG A 111 -10.79 23.66 -0.15
CA ARG A 111 -10.75 23.65 -0.20
C ARG A 111 -10.71 22.18 0.19
N GLY A 112 -9.48 21.64 0.18
CA GLY A 112 -9.22 20.29 0.65
C GLY A 112 -8.42 20.37 1.92
N TYR A 113 -8.59 19.38 2.78
CA TYR A 113 -7.95 19.33 4.08
C TYR A 113 -7.33 17.97 4.28
N LEU A 114 -6.12 17.95 4.82
CA LEU A 114 -5.41 16.71 5.19
C LEU A 114 -4.41 17.08 6.25
N GLN A 115 -4.75 16.83 7.52
CA GLN A 115 -3.87 17.23 8.59
C GLN A 115 -3.93 16.30 9.78
N PHE A 116 -2.90 16.39 10.59
CA PHE A 116 -2.66 15.50 11.69
C PHE A 116 -2.29 16.24 12.98
N ALA A 117 -2.58 15.60 14.09
CA ALA A 117 -2.11 16.04 15.40
C ALA A 117 -1.56 14.86 16.15
N TYR A 118 -0.54 15.13 16.96
CA TYR A 118 0.04 14.16 17.85
C TYR A 118 0.02 14.73 19.28
N GLU A 119 -0.52 13.97 20.22
CA GLU A 119 -0.65 14.41 21.62
C GLU A 119 -1.35 15.76 21.73
N GLY A 120 -2.35 15.98 20.88
CA GLY A 120 -3.16 17.17 20.98
C GLY A 120 -2.60 18.42 20.33
N ARG A 121 -1.45 18.30 19.66
CA ARG A 121 -0.81 19.44 19.02
C ARG A 121 -0.71 19.18 17.53
N ASP A 122 -0.96 20.23 16.74
CA ASP A 122 -0.80 20.14 15.30
C ASP A 122 0.60 19.56 14.98
N TYR A 123 0.63 18.66 14.00
CA TYR A 123 1.86 17.95 13.64
C TYR A 123 2.25 18.28 12.19
N ILE A 124 1.40 17.92 11.25
CA ILE A 124 1.68 18.20 9.82
C ILE A 124 0.36 18.45 9.12
N ALA A 125 0.39 19.26 8.09
CA ALA A 125 -0.82 19.59 7.36
C ALA A 125 -0.52 19.90 5.95
N LEU A 126 -1.41 19.47 5.08
CA LEU A 126 -1.28 19.73 3.65
C LEU A 126 -1.72 21.16 3.45
N ASN A 127 -0.92 21.95 2.75
CA ASN A 127 -1.31 23.32 2.44
C ASN A 127 -2.48 23.39 1.45
N GLU A 128 -3.07 24.59 1.35
CA GLU A 128 -4.21 24.82 0.49
C GLU A 128 -3.93 24.50 -0.99
N ASP A 129 -2.67 24.61 -1.41
CA ASP A 129 -2.27 24.25 -2.80
C ASP A 129 -2.41 22.77 -3.10
N LEU A 130 -2.54 21.97 -2.04
CA LEU A 130 -2.59 20.50 -2.11
C LEU A 130 -1.31 19.92 -2.71
N LYS A 131 -0.21 20.63 -2.52
CA LYS A 131 1.10 20.27 -3.07
C LYS A 131 2.22 20.28 -2.06
N THR A 132 2.16 21.15 -1.06
CA THR A 132 3.23 21.33 -0.10
C THR A 132 2.72 21.16 1.32
N TRP A 133 3.66 20.93 2.23
CA TRP A 133 3.35 20.59 3.62
C TRP A 133 3.85 21.65 4.60
N THR A 134 3.07 21.89 5.65
CA THR A 134 3.48 22.68 6.80
C THR A 134 3.70 21.72 7.96
N ALA A 135 4.92 21.71 8.49
CA ALA A 135 5.29 20.83 9.57
C ALA A 135 5.55 21.64 10.83
N ALA A 136 5.02 21.17 11.96
CA ALA A 136 4.98 21.94 13.20
C ALA A 136 6.21 21.84 14.08
N ASP A 137 6.94 20.73 14.05
CA ASP A 137 8.09 20.56 14.95
C ASP A 137 9.13 19.66 14.32
N MET A 138 10.18 19.31 15.08
CA MET A 138 11.31 18.56 14.53
C MET A 138 10.91 17.21 13.92
N ALA A 139 10.12 16.44 14.67
CA ALA A 139 9.60 15.15 14.20
C ALA A 139 8.86 15.29 12.89
N ALA A 140 7.93 16.24 12.84
CA ALA A 140 7.17 16.49 11.61
C ALA A 140 8.01 16.88 10.40
N GLN A 141 9.19 17.48 10.59
CA GLN A 141 10.13 17.71 9.47
C GLN A 141 10.59 16.40 8.89
N ILE A 142 10.78 15.38 9.71
CA ILE A 142 11.20 14.05 9.21
C ILE A 142 10.09 13.48 8.31
N THR A 143 8.87 13.53 8.83
CA THR A 143 7.70 13.10 8.09
C THR A 143 7.58 13.89 6.80
N ARG A 144 7.72 15.21 6.88
CA ARG A 144 7.58 16.06 5.72
C ARG A 144 8.55 15.63 4.61
N ARG A 145 9.80 15.44 4.98
CA ARG A 145 10.83 15.06 4.00
CA ARG A 145 10.83 15.05 3.99
C ARG A 145 10.50 13.69 3.36
N LYS A 146 10.08 12.74 4.20
CA LYS A 146 9.70 11.41 3.70
C LYS A 146 8.54 11.51 2.69
N TRP A 147 7.55 12.34 3.00
CA TRP A 147 6.38 12.49 2.13
C TRP A 147 6.69 13.28 0.86
N GLU A 148 7.57 14.27 0.97
CA GLU A 148 8.07 14.98 -0.21
C GLU A 148 8.77 14.00 -1.13
N GLN A 149 9.64 13.17 -0.56
CA GLN A 149 10.39 12.18 -1.33
C GLN A 149 9.50 11.13 -2.01
N SER A 150 8.45 10.68 -1.33
CA SER A 150 7.56 9.65 -1.88
C SER A 150 6.43 10.22 -2.75
N GLY A 151 6.27 11.54 -2.78
CA GLY A 151 5.19 12.19 -3.52
C GLY A 151 3.81 11.99 -2.95
N ALA A 152 3.71 11.85 -1.63
CA ALA A 152 2.42 11.61 -0.95
C ALA A 152 1.37 12.69 -1.27
N ALA A 153 1.77 13.95 -1.36
CA ALA A 153 0.80 15.04 -1.64
C ALA A 153 0.04 14.82 -2.93
N GLU A 154 0.69 14.29 -3.97
CA GLU A 154 0.02 14.06 -5.24
CA GLU A 154 0.01 14.07 -5.24
C GLU A 154 -1.14 13.07 -5.09
N HIS A 155 -0.92 12.05 -4.26
CA HIS A 155 -1.93 11.05 -4.01
C HIS A 155 -3.07 11.60 -3.15
N TYR A 156 -2.74 12.36 -2.10
CA TYR A 156 -3.80 13.04 -1.33
C TYR A 156 -4.62 14.02 -2.17
N LYS A 157 -3.94 14.76 -3.04
CA LYS A 157 -4.60 15.70 -3.94
C LYS A 157 -5.61 15.01 -4.84
N ALA A 158 -5.23 13.86 -5.39
CA ALA A 158 -6.15 13.06 -6.21
C ALA A 158 -7.40 12.62 -5.44
N TYR A 159 -7.24 12.19 -4.18
CA TYR A 159 -8.35 11.82 -3.35
C TYR A 159 -9.26 13.05 -3.13
N LEU A 160 -8.64 14.16 -2.74
CA LEU A 160 -9.43 15.35 -2.35
C LEU A 160 -10.19 15.94 -3.51
N GLU A 161 -9.56 16.01 -4.68
CA GLU A 161 -10.19 16.59 -5.86
C GLU A 161 -11.09 15.62 -6.61
N GLY A 162 -10.88 14.32 -6.46
CA GLY A 162 -11.66 13.31 -7.18
C GLY A 162 -12.66 12.68 -6.22
N GLU A 163 -12.22 11.64 -5.52
CA GLU A 163 -13.11 10.83 -4.71
C GLU A 163 -13.90 11.60 -3.66
N CYS A 164 -13.24 12.48 -2.94
CA CYS A 164 -13.91 13.20 -1.85
C CYS A 164 -15.12 13.95 -2.42
N VAL A 165 -14.89 14.69 -3.49
CA VAL A 165 -15.90 15.48 -4.18
C VAL A 165 -17.04 14.63 -4.74
N GLU A 166 -16.69 13.57 -5.43
CA GLU A 166 -17.66 12.73 -6.10
C GLU A 166 -18.55 12.00 -5.11
N TRP A 167 -17.96 11.47 -4.06
CA TRP A 167 -18.73 10.76 -3.05
C TRP A 167 -19.60 11.71 -2.22
N LEU A 168 -19.06 12.88 -1.88
CA LEU A 168 -19.88 13.90 -1.19
C LEU A 168 -21.14 14.20 -2.00
N HIS A 169 -20.97 14.42 -3.29
CA HIS A 169 -22.10 14.70 -4.13
C HIS A 169 -23.12 13.55 -4.10
N ARG A 170 -22.65 12.31 -4.21
CA ARG A 170 -23.55 11.16 -4.11
C ARG A 170 -24.31 11.11 -2.77
N TYR A 171 -23.59 11.31 -1.66
CA TYR A 171 -24.19 11.32 -0.33
C TYR A 171 -25.24 12.42 -0.20
N LEU A 172 -24.97 13.62 -0.71
CA LEU A 172 -25.93 14.71 -0.63
C LEU A 172 -27.20 14.40 -1.43
N LYS A 173 -27.06 13.77 -2.57
CA LYS A 173 -28.25 13.39 -3.34
C LYS A 173 -29.06 12.33 -2.62
N ASN A 174 -28.42 11.30 -2.08
CA ASN A 174 -29.13 10.24 -1.37
C ASN A 174 -29.70 10.73 -0.03
N GLY A 175 -28.98 11.65 0.61
CA GLY A 175 -29.33 12.11 1.96
C GLY A 175 -30.13 13.39 2.03
N ASN A 176 -30.54 13.93 0.87
CA ASN A 176 -31.12 15.29 0.81
C ASN A 176 -32.25 15.54 1.83
N ALA A 177 -33.29 14.71 1.77
CA ALA A 177 -34.46 14.85 2.65
C ALA A 177 -34.08 14.76 4.12
N THR A 178 -33.20 13.81 4.45
CA THR A 178 -32.75 13.63 5.82
C THR A 178 -31.89 14.81 6.27
N LEU A 179 -31.03 15.31 5.38
CA LEU A 179 -30.14 16.43 5.69
C LEU A 179 -30.88 17.73 5.91
N LEU A 180 -32.05 17.87 5.30
CA LEU A 180 -32.88 19.05 5.48
C LEU A 180 -33.75 19.02 6.73
N ARG A 181 -33.82 17.88 7.42
CA ARG A 181 -34.74 17.71 8.55
C ARG A 181 -34.36 18.64 9.69
N THR A 182 -35.36 19.28 10.27
CA THR A 182 -35.14 20.09 11.46
C THR A 182 -36.21 19.79 12.53
N ASP A 183 -35.85 20.08 13.77
CA ASP A 183 -36.82 20.10 14.88
C ASP A 183 -36.65 21.47 15.54
N SER A 184 -37.75 22.21 15.69
CA SER A 184 -37.64 23.57 16.18
C SER A 184 -37.42 23.59 17.67
N PRO A 185 -36.69 24.59 18.18
CA PRO A 185 -36.53 24.68 19.62
C PRO A 185 -37.84 25.07 20.26
N LYS A 186 -38.11 24.51 21.43
CA LYS A 186 -39.13 25.01 22.34
C LYS A 186 -38.40 25.82 23.37
N ALA A 187 -38.87 27.04 23.62
CA ALA A 187 -38.14 28.00 24.44
C ALA A 187 -38.97 28.56 25.60
N HIS A 188 -38.28 28.89 26.68
CA HIS A 188 -38.93 29.57 27.82
C HIS A 188 -37.87 30.23 28.69
N VAL A 189 -38.28 31.19 29.51
CA VAL A 189 -37.39 31.90 30.40
C VAL A 189 -37.74 31.55 31.85
N THR A 190 -36.69 31.26 32.64
CA THR A 190 -36.83 31.03 34.08
C THR A 190 -36.14 32.13 34.85
N HIS A 191 -36.56 32.29 36.10
CA HIS A 191 -36.18 33.38 36.96
C HIS A 191 -35.57 32.80 38.23
N HIS A 192 -34.34 33.22 38.56
CA HIS A 192 -33.55 32.69 39.68
C HIS A 192 -32.91 33.83 40.47
N PRO A 193 -33.48 34.14 41.64
CA PRO A 193 -32.86 35.14 42.53
C PRO A 193 -31.39 34.83 42.78
N ARG A 194 -30.58 35.84 43.02
CA ARG A 194 -29.12 35.70 43.00
C ARG A 194 -28.45 36.26 44.26
N LYS A 196 -29.32 40.01 46.89
CA LYS A 196 -28.62 41.28 46.63
C LYS A 196 -29.38 42.24 45.68
N GLY A 197 -30.68 42.05 45.48
CA GLY A 197 -31.45 42.84 44.48
C GLY A 197 -31.14 42.51 43.02
N GLU A 198 -30.57 41.34 42.78
CA GLU A 198 -30.23 40.89 41.43
C GLU A 198 -30.88 39.56 41.17
N VAL A 199 -31.22 39.29 39.91
CA VAL A 199 -31.81 38.03 39.52
C VAL A 199 -31.13 37.55 38.26
N THR A 200 -31.03 36.23 38.14
CA THR A 200 -30.61 35.59 36.89
C THR A 200 -31.84 35.21 36.09
N LEU A 201 -31.89 35.69 34.84
CA LEU A 201 -32.88 35.24 33.88
C LEU A 201 -32.16 34.26 32.96
N ARG A 202 -32.77 33.11 32.74
CA ARG A 202 -32.16 32.05 31.94
C ARG A 202 -33.09 31.68 30.81
N CYS A 203 -32.60 31.79 29.58
CA CYS A 203 -33.40 31.53 28.41
C CYS A 203 -33.03 30.15 27.91
N TRP A 204 -34.00 29.25 27.85
CA TRP A 204 -33.80 27.85 27.51
C TRP A 204 -34.27 27.60 26.11
N ALA A 205 -33.53 26.78 25.37
CA ALA A 205 -34.00 26.27 24.09
C ALA A 205 -33.85 24.77 24.17
N LEU A 206 -34.93 24.04 23.93
CA LEU A 206 -34.94 22.59 24.09
C LEU A 206 -35.48 21.86 22.88
N GLY A 207 -35.03 20.64 22.71
CA GLY A 207 -35.58 19.73 21.71
C GLY A 207 -35.31 20.06 20.25
N PHE A 208 -34.22 20.75 19.97
CA PHE A 208 -33.93 21.23 18.61
C PHE A 208 -32.90 20.38 17.87
N TYR A 209 -32.98 20.45 16.53
CA TYR A 209 -32.08 19.71 15.64
C TYR A 209 -32.06 20.50 14.33
N PRO A 210 -30.91 20.77 13.72
CA PRO A 210 -29.58 20.38 14.18
C PRO A 210 -29.09 21.23 15.33
N ALA A 211 -27.86 20.99 15.77
CA ALA A 211 -27.35 21.60 17.00
C ALA A 211 -27.10 23.11 16.89
N ASP A 212 -26.90 23.60 15.67
CA ASP A 212 -26.56 24.97 15.44
C ASP A 212 -27.70 25.88 15.91
N ILE A 213 -27.38 26.86 16.73
CA ILE A 213 -28.43 27.74 17.33
C ILE A 213 -27.76 28.99 17.87
N THR A 214 -28.50 30.07 17.96
CA THR A 214 -27.99 31.27 18.60
C THR A 214 -29.06 31.79 19.55
N LEU A 215 -28.65 32.07 20.78
CA LEU A 215 -29.48 32.72 21.78
C LEU A 215 -28.87 34.06 22.13
N THR A 216 -29.70 35.10 22.25
CA THR A 216 -29.22 36.43 22.58
C THR A 216 -30.16 37.04 23.61
N TRP A 217 -29.61 37.88 24.46
CA TRP A 217 -30.43 38.67 25.37
C TRP A 217 -30.35 40.09 24.89
N GLN A 218 -31.43 40.81 25.09
CA GLN A 218 -31.39 42.22 24.84
C GLN A 218 -32.21 43.02 25.85
N LEU A 219 -31.87 44.30 25.89
CA LEU A 219 -32.52 45.27 26.73
C LEU A 219 -32.76 46.54 25.93
N ASN A 220 -34.01 46.92 25.84
CA ASN A 220 -34.39 48.17 25.19
C ASN A 220 -33.86 48.29 23.76
N GLY A 221 -33.90 47.17 23.06
CA GLY A 221 -33.40 47.05 21.69
C GLY A 221 -31.89 46.88 21.49
N GLU A 222 -31.10 46.80 22.57
CA GLU A 222 -29.66 46.59 22.45
CA GLU A 222 -29.66 46.60 22.44
C GLU A 222 -29.31 45.20 22.93
N GLU A 223 -28.52 44.49 22.13
CA GLU A 223 -28.03 43.17 22.49
C GLU A 223 -27.03 43.27 23.62
N LEU A 224 -27.14 42.36 24.58
CA LEU A 224 -26.25 42.35 25.74
C LEU A 224 -25.03 41.46 25.54
N THR A 225 -23.94 41.82 26.24
CA THR A 225 -22.70 41.01 26.37
C THR A 225 -22.24 40.83 27.83
N GLN A 226 -22.36 41.88 28.65
CA GLN A 226 -21.96 41.81 30.05
C GLN A 226 -22.93 40.99 30.87
N ASP A 227 -22.42 40.49 32.00
CA ASP A 227 -23.19 39.71 32.99
C ASP A 227 -23.87 38.45 32.41
N MET A 228 -23.34 37.99 31.28
CA MET A 228 -23.96 36.97 30.45
C MET A 228 -23.26 35.62 30.65
N GLU A 229 -24.02 34.54 30.55
CA GLU A 229 -23.42 33.21 30.61
C GLU A 229 -24.11 32.33 29.57
N LEU A 230 -23.34 31.48 28.93
CA LEU A 230 -23.82 30.66 27.83
C LEU A 230 -23.33 29.27 28.22
N VAL A 231 -24.11 28.23 28.01
CA VAL A 231 -23.54 26.87 28.10
C VAL A 231 -23.32 26.35 26.71
N GLU A 232 -22.33 25.47 26.59
CA GLU A 232 -22.11 24.78 25.35
C GLU A 232 -23.39 23.99 24.99
N THR A 233 -23.75 24.01 23.71
CA THR A 233 -24.88 23.25 23.25
C THR A 233 -24.66 21.77 23.56
N ARG A 234 -25.70 21.08 24.01
CA ARG A 234 -25.54 19.76 24.61
C ARG A 234 -26.59 18.78 24.09
N PRO A 235 -26.24 17.51 23.90
CA PRO A 235 -27.26 16.56 23.46
C PRO A 235 -28.25 16.16 24.58
N ALA A 236 -29.52 16.06 24.25
CA ALA A 236 -30.52 15.54 25.19
C ALA A 236 -30.43 14.00 25.32
N GLY A 237 -29.85 13.39 24.28
CA GLY A 237 -29.62 11.96 24.22
C GLY A 237 -30.59 11.24 23.30
N ASP A 238 -31.61 11.94 22.83
CA ASP A 238 -32.66 11.39 22.00
C ASP A 238 -32.53 11.90 20.54
N GLY A 239 -31.36 12.44 20.18
CA GLY A 239 -31.15 13.03 18.85
C GLY A 239 -31.35 14.55 18.75
N THR A 240 -31.97 15.15 19.76
CA THR A 240 -32.13 16.60 19.84
C THR A 240 -31.11 17.23 20.80
N PHE A 241 -31.07 18.56 20.79
CA PHE A 241 -30.12 19.33 21.56
C PHE A 241 -30.79 20.35 22.49
N GLN A 242 -29.98 20.87 23.40
CA GLN A 242 -30.42 21.84 24.40
C GLN A 242 -29.36 22.92 24.52
N LYS A 243 -29.80 24.12 24.91
CA LYS A 243 -28.89 25.19 25.25
C LYS A 243 -29.60 26.18 26.15
N TRP A 244 -28.83 26.87 26.98
CA TRP A 244 -29.35 28.08 27.61
C TRP A 244 -28.36 29.22 27.64
N ALA A 245 -28.92 30.42 27.83
CA ALA A 245 -28.17 31.65 27.97
C ALA A 245 -28.79 32.45 29.09
N SER A 246 -27.96 33.06 29.93
CA SER A 246 -28.48 33.83 31.06
C SER A 246 -27.85 35.21 31.17
N VAL A 247 -28.60 36.10 31.81
CA VAL A 247 -28.15 37.43 32.15
C VAL A 247 -28.54 37.70 33.60
N VAL A 248 -27.74 38.51 34.27
CA VAL A 248 -28.05 39.01 35.60
C VAL A 248 -28.63 40.40 35.49
N VAL A 249 -29.80 40.63 36.09
CA VAL A 249 -30.55 41.85 35.92
C VAL A 249 -31.04 42.39 37.27
N PRO A 250 -31.42 43.66 37.32
CA PRO A 250 -31.93 44.20 38.58
C PRO A 250 -33.32 43.67 38.92
N LEU A 251 -33.51 43.33 40.20
CA LEU A 251 -34.82 42.98 40.71
C LEU A 251 -35.79 44.13 40.39
N GLY A 252 -36.95 43.80 39.81
CA GLY A 252 -37.95 44.78 39.39
C GLY A 252 -37.92 45.23 37.93
N LYS A 253 -36.87 44.87 37.19
CA LYS A 253 -36.71 45.24 35.79
C LYS A 253 -36.72 44.01 34.87
N GLU A 254 -37.05 42.84 35.41
CA GLU A 254 -36.96 41.56 34.68
C GLU A 254 -37.69 41.55 33.33
N GLN A 255 -38.88 42.14 33.33
CA GLN A 255 -39.75 42.14 32.15
C GLN A 255 -39.20 42.99 31.00
N ASN A 256 -38.24 43.87 31.30
CA ASN A 256 -37.60 44.69 30.28
C ASN A 256 -36.66 43.90 29.36
N TYR A 257 -36.23 42.72 29.78
CA TYR A 257 -35.27 41.94 29.04
C TYR A 257 -35.98 40.94 28.13
N THR A 258 -35.46 40.77 26.91
CA THR A 258 -35.98 39.73 26.02
C THR A 258 -34.87 38.85 25.48
N CYS A 259 -35.23 37.59 25.27
CA CYS A 259 -34.33 36.57 24.70
C CYS A 259 -34.79 36.35 23.27
N ARG A 260 -33.83 36.24 22.34
CA ARG A 260 -34.14 35.85 20.96
C ARG A 260 -33.49 34.52 20.68
N VAL A 261 -34.20 33.62 19.99
CA VAL A 261 -33.71 32.30 19.62
C VAL A 261 -33.75 32.19 18.10
N TYR A 262 -32.57 32.00 17.52
CA TYR A 262 -32.37 31.84 16.10
C TYR A 262 -32.04 30.41 15.79
N HIS A 263 -32.85 29.78 14.95
CA HIS A 263 -32.62 28.39 14.57
C HIS A 263 -33.26 28.12 13.22
N GLU A 264 -32.60 27.32 12.39
CA GLU A 264 -33.07 27.07 11.01
C GLU A 264 -34.45 26.39 10.88
N GLY A 265 -34.84 25.65 11.89
CA GLY A 265 -36.16 25.03 11.99
C GLY A 265 -37.34 25.99 12.14
N LEU A 266 -37.07 27.19 12.65
CA LEU A 266 -38.12 28.15 12.94
C LEU A 266 -38.54 28.90 11.68
N PRO A 267 -39.84 29.24 11.56
CA PRO A 267 -40.24 30.10 10.45
C PRO A 267 -39.74 31.55 10.65
N GLU A 268 -39.54 31.98 11.90
CA GLU A 268 -38.84 33.24 12.22
C GLU A 268 -38.25 33.12 13.62
N PRO A 269 -37.30 34.00 13.98
CA PRO A 269 -36.73 33.83 15.32
C PRO A 269 -37.79 33.97 16.41
N LEU A 270 -37.60 33.27 17.53
CA LEU A 270 -38.51 33.41 18.66
C LEU A 270 -38.06 34.59 19.49
N THR A 271 -39.02 35.36 20.00
CA THR A 271 -38.69 36.37 20.99
C THR A 271 -39.51 36.08 22.23
N LEU A 272 -38.85 36.04 23.37
CA LEU A 272 -39.55 35.72 24.60
C LEU A 272 -39.02 36.54 25.75
N ARG A 273 -39.84 36.52 26.79
CA ARG A 273 -39.63 37.30 27.99
C ARG A 273 -40.00 36.40 29.15
N TRP A 274 -39.52 36.75 30.34
CA TRP A 274 -40.00 36.11 31.55
C TRP A 274 -41.51 36.41 31.68
N GLU A 275 -42.30 35.36 31.86
CA GLU A 275 -43.75 35.47 31.91
C GLU A 275 -44.25 34.63 33.08
N PRO A 276 -44.14 35.19 34.31
CA PRO A 276 -44.53 34.43 35.50
C PRO A 276 -46.04 34.17 35.60
N MET B 19 4.26 15.87 22.02
CA MET B 19 4.18 17.25 21.43
C MET B 19 4.08 18.43 22.43
N GLY B 20 3.22 18.43 23.46
CA GLY B 20 1.91 17.77 23.57
C GLY B 20 1.05 18.71 24.42
N ILE B 21 -0.23 18.88 24.07
CA ILE B 21 -1.10 19.93 24.66
C ILE B 21 -2.32 19.29 25.29
N GLN B 22 -2.42 19.38 26.63
CA GLN B 22 -3.56 18.85 27.34
C GLN B 22 -4.69 19.89 27.46
N LYS B 23 -5.94 19.39 27.48
CA LYS B 23 -7.12 20.21 27.62
C LYS B 23 -8.01 19.64 28.72
N THR B 24 -8.53 20.52 29.57
CA THR B 24 -9.34 20.12 30.73
C THR B 24 -10.81 19.89 30.35
N PRO B 25 -11.40 18.79 30.82
CA PRO B 25 -12.79 18.52 30.48
C PRO B 25 -13.75 19.54 31.07
N GLN B 26 -14.74 19.90 30.26
CA GLN B 26 -15.84 20.77 30.67
C GLN B 26 -17.05 19.86 30.82
N ILE B 27 -17.74 19.98 31.95
CA ILE B 27 -18.72 18.99 32.34
C ILE B 27 -20.06 19.65 32.59
N GLN B 28 -21.11 19.07 32.04
CA GLN B 28 -22.48 19.51 32.31
C GLN B 28 -23.28 18.30 32.76
N VAL B 29 -24.05 18.48 33.83
CA VAL B 29 -24.94 17.44 34.32
C VAL B 29 -26.36 17.98 34.25
N TYR B 30 -27.24 17.25 33.58
CA TYR B 30 -28.57 17.75 33.32
C TYR B 30 -29.48 16.63 32.87
N SER B 31 -30.78 16.85 32.97
CA SER B 31 -31.75 15.84 32.61
C SER B 31 -32.22 16.05 31.17
N ARG B 32 -32.64 14.95 30.55
CA ARG B 32 -33.17 15.01 29.21
C ARG B 32 -34.48 15.80 29.16
N HIS B 33 -35.37 15.55 30.11
CA HIS B 33 -36.69 16.20 30.14
C HIS B 33 -36.72 17.09 31.35
N PRO B 34 -37.61 18.09 31.35
CA PRO B 34 -37.75 18.91 32.56
C PRO B 34 -37.99 18.02 33.78
N PRO B 35 -37.24 18.25 34.88
CA PRO B 35 -37.30 17.31 35.99
C PRO B 35 -38.54 17.50 36.89
N GLU B 36 -39.12 16.39 37.32
CA GLU B 36 -40.27 16.41 38.24
C GLU B 36 -40.04 15.30 39.24
N ASN B 37 -40.07 15.60 40.54
CA ASN B 37 -39.91 14.52 41.51
C ASN B 37 -40.92 13.42 41.28
N GLY B 38 -40.43 12.17 41.38
CA GLY B 38 -41.23 10.99 41.17
C GLY B 38 -41.54 10.60 39.75
N LYS B 39 -41.07 11.36 38.75
CA LYS B 39 -41.29 10.99 37.36
C LYS B 39 -39.97 10.49 36.72
N PRO B 40 -39.96 9.25 36.18
CA PRO B 40 -38.77 8.72 35.50
C PRO B 40 -38.25 9.65 34.42
N ASN B 41 -36.91 9.71 34.31
CA ASN B 41 -36.23 10.66 33.41
C ASN B 41 -34.88 10.04 33.03
N ILE B 42 -34.05 10.79 32.31
CA ILE B 42 -32.68 10.41 31.97
C ILE B 42 -31.74 11.49 32.45
N LEU B 43 -30.68 11.10 33.15
CA LEU B 43 -29.67 12.04 33.63
C LEU B 43 -28.50 11.91 32.69
N ASN B 44 -28.03 13.06 32.19
CA ASN B 44 -26.90 13.14 31.27
C ASN B 44 -25.68 13.77 31.90
N CYS B 45 -24.51 13.25 31.57
CA CYS B 45 -23.25 13.90 31.91
C CYS B 45 -22.49 14.08 30.62
N TYR B 46 -22.42 15.32 30.15
CA TYR B 46 -21.80 15.66 28.88
C TYR B 46 -20.44 16.24 29.16
N VAL B 47 -19.40 15.58 28.60
CA VAL B 47 -18.03 15.93 28.90
C VAL B 47 -17.32 16.27 27.60
N THR B 48 -16.78 17.47 27.52
CA THR B 48 -16.23 18.00 26.29
C THR B 48 -14.88 18.66 26.50
N GLN B 49 -14.25 18.98 25.37
CA GLN B 49 -13.06 19.79 25.36
CA GLN B 49 -13.05 19.78 25.33
C GLN B 49 -11.88 19.18 26.09
N PHE B 50 -11.74 17.85 26.05
CA PHE B 50 -10.63 17.21 26.72
C PHE B 50 -9.63 16.55 25.79
N HIS B 51 -8.40 16.49 26.29
CA HIS B 51 -7.30 15.84 25.61
C HIS B 51 -6.22 15.57 26.66
N PRO B 52 -5.73 14.34 26.78
CA PRO B 52 -5.96 13.23 25.87
C PRO B 52 -7.31 12.54 26.02
N PRO B 53 -7.63 11.57 25.14
CA PRO B 53 -8.97 10.94 25.14
C PRO B 53 -9.27 10.00 26.31
N HIS B 54 -8.24 9.56 27.00
CA HIS B 54 -8.32 8.66 28.17
C HIS B 54 -9.05 9.46 29.23
N ILE B 55 -10.18 8.94 29.69
CA ILE B 55 -10.98 9.62 30.68
C ILE B 55 -11.79 8.60 31.44
N GLU B 56 -12.10 8.93 32.69
CA GLU B 56 -12.98 8.09 33.50
C GLU B 56 -14.14 8.93 33.96
N ILE B 57 -15.35 8.42 33.78
CA ILE B 57 -16.58 9.17 34.08
C ILE B 57 -17.50 8.27 34.90
N GLN B 58 -17.91 8.75 36.07
CA GLN B 58 -18.91 8.06 36.85
C GLN B 58 -20.09 8.97 37.09
N MET B 59 -21.26 8.37 37.17
CA MET B 59 -22.45 9.05 37.64
C MET B 59 -22.73 8.51 39.04
N LEU B 60 -23.09 9.42 39.96
CA LEU B 60 -23.23 9.12 41.38
C LEU B 60 -24.61 9.48 41.90
N LYS B 61 -25.10 8.66 42.82
CA LYS B 61 -26.32 8.94 43.57
C LYS B 61 -25.93 8.89 45.05
N ASN B 62 -26.10 10.00 45.76
CA ASN B 62 -25.63 10.13 47.16
C ASN B 62 -24.16 9.75 47.35
N GLY B 63 -23.33 10.09 46.36
CA GLY B 63 -21.90 9.78 46.39
C GLY B 63 -21.45 8.35 45.94
N LYS B 64 -22.48 7.51 45.63
CA LYS B 64 -22.30 6.10 45.29
C LYS B 64 -22.45 5.86 43.80
N LYS B 65 -21.53 5.08 43.24
CA LYS B 65 -21.51 4.83 41.80
C LYS B 65 -22.83 4.22 41.35
N ILE B 66 -23.42 4.77 40.28
CA ILE B 66 -24.61 4.22 39.67
C ILE B 66 -24.13 3.11 38.70
N PRO B 67 -24.68 1.88 38.83
CA PRO B 67 -24.14 0.76 38.02
C PRO B 67 -24.44 0.80 36.52
N LYS B 68 -25.61 1.27 36.11
CA LYS B 68 -26.06 0.94 34.76
C LYS B 68 -25.67 1.97 33.68
N VAL B 69 -24.61 2.75 33.89
CA VAL B 69 -24.38 3.99 33.14
C VAL B 69 -23.92 3.70 31.70
N GLU B 70 -24.61 4.28 30.73
CA GLU B 70 -24.29 4.02 29.33
C GLU B 70 -23.39 5.12 28.83
N MET B 71 -22.41 4.79 28.00
CA MET B 71 -21.50 5.78 27.41
C MET B 71 -21.80 5.85 25.90
N SER B 72 -21.94 7.05 25.36
CA SER B 72 -21.98 7.20 23.89
C SER B 72 -20.63 6.88 23.29
N ASP B 73 -20.62 6.84 21.97
CA ASP B 73 -19.38 6.84 21.22
C ASP B 73 -18.67 8.18 21.47
N MET B 74 -17.35 8.14 21.50
CA MET B 74 -16.56 9.33 21.64
C MET B 74 -16.36 9.93 20.26
N SER B 75 -16.29 11.26 20.22
CA SER B 75 -16.03 12.03 19.02
C SER B 75 -14.99 13.08 19.33
N PHE B 76 -14.44 13.72 18.27
CA PHE B 76 -13.58 14.87 18.48
C PHE B 76 -13.93 16.06 17.59
N SER B 77 -13.56 17.24 18.07
CA SER B 77 -13.91 18.53 17.42
C SER B 77 -12.79 19.04 16.56
N LYS B 78 -13.04 20.11 15.80
CA LYS B 78 -12.02 20.64 14.88
CA LYS B 78 -12.02 20.64 14.88
C LYS B 78 -10.80 21.25 15.57
N ASP B 79 -10.85 21.39 16.90
CA ASP B 79 -9.66 21.77 17.69
C ASP B 79 -8.92 20.54 18.26
N TRP B 80 -9.29 19.34 17.77
CA TRP B 80 -8.76 18.03 18.17
C TRP B 80 -9.32 17.50 19.51
N SER B 81 -10.06 18.32 20.24
CA SER B 81 -10.51 17.92 21.58
C SER B 81 -11.69 16.96 21.53
N PHE B 82 -11.76 16.08 22.50
CA PHE B 82 -12.70 15.00 22.51
C PHE B 82 -13.95 15.38 23.27
N TYR B 83 -15.04 14.69 22.95
CA TYR B 83 -16.31 14.80 23.69
C TYR B 83 -17.09 13.49 23.71
N ILE B 84 -17.90 13.32 24.75
CA ILE B 84 -18.62 12.07 25.01
C ILE B 84 -19.80 12.32 25.95
N LEU B 85 -20.84 11.51 25.85
CA LEU B 85 -22.01 11.60 26.72
C LEU B 85 -22.19 10.33 27.54
N ALA B 86 -22.30 10.50 28.85
CA ALA B 86 -22.71 9.43 29.76
C ALA B 86 -24.15 9.67 30.15
N HIS B 87 -24.93 8.60 30.30
CA HIS B 87 -26.33 8.76 30.66
C HIS B 87 -26.86 7.58 31.45
N THR B 88 -27.86 7.85 32.29
CA THR B 88 -28.50 6.81 33.05
C THR B 88 -29.95 7.14 33.28
N GLU B 89 -30.78 6.11 33.39
CA GLU B 89 -32.16 6.31 33.84
C GLU B 89 -32.10 6.78 35.27
N PHE B 90 -32.98 7.69 35.64
CA PHE B 90 -33.12 8.09 37.04
C PHE B 90 -34.50 8.66 37.28
N THR B 91 -34.86 8.74 38.55
CA THR B 91 -36.12 9.33 38.98
C THR B 91 -35.73 10.36 40.03
N PRO B 92 -35.81 11.65 39.68
CA PRO B 92 -35.43 12.66 40.67
C PRO B 92 -36.37 12.61 41.88
N THR B 93 -35.83 12.98 43.05
CA THR B 93 -36.57 12.98 44.33
C THR B 93 -36.15 14.22 45.11
N GLU B 94 -36.82 14.55 46.20
CA GLU B 94 -36.34 15.68 47.02
C GLU B 94 -35.11 15.29 47.86
N THR B 95 -34.89 14.00 48.11
CA THR B 95 -33.86 13.55 49.06
C THR B 95 -32.48 13.26 48.40
N ASP B 96 -32.48 12.76 47.17
CA ASP B 96 -31.27 12.18 46.56
C ASP B 96 -30.44 13.20 45.81
N THR B 97 -29.12 13.18 46.02
CA THR B 97 -28.20 14.02 45.24
C THR B 97 -27.65 13.20 44.09
N TYR B 98 -27.47 13.88 42.97
CA TYR B 98 -26.90 13.28 41.78
C TYR B 98 -25.72 14.09 41.33
N ALA B 99 -24.73 13.39 40.78
CA ALA B 99 -23.52 14.02 40.36
C ALA B 99 -22.82 13.22 39.27
N CYS B 100 -21.87 13.87 38.64
CA CYS B 100 -20.98 13.21 37.71
C CYS B 100 -19.56 13.49 38.17
N ARG B 101 -18.71 12.44 38.24
CA ARG B 101 -17.32 12.61 38.66
CA ARG B 101 -17.33 12.60 38.66
C ARG B 101 -16.41 12.19 37.53
N VAL B 102 -15.37 13.00 37.28
CA VAL B 102 -14.47 12.81 36.14
C VAL B 102 -13.01 12.87 36.54
N LYS B 103 -12.26 11.87 36.10
CA LYS B 103 -10.82 11.84 36.29
C LYS B 103 -10.17 11.94 34.94
N HIS B 104 -9.20 12.84 34.84
CA HIS B 104 -8.48 13.11 33.59
C HIS B 104 -7.12 13.70 33.95
N ASP B 105 -6.11 13.35 33.16
CA ASP B 105 -4.72 13.76 33.46
C ASP B 105 -4.44 15.28 33.46
N SER B 106 -5.30 16.06 32.82
CA SER B 106 -5.20 17.53 32.88
C SER B 106 -5.42 18.10 34.30
N MET B 107 -6.07 17.34 35.17
CA MET B 107 -6.44 17.81 36.51
C MET B 107 -5.70 17.05 37.60
N ALA B 108 -5.26 17.76 38.64
CA ALA B 108 -4.59 17.13 39.76
C ALA B 108 -5.48 16.13 40.52
N GLU B 109 -6.79 16.40 40.57
CA GLU B 109 -7.73 15.58 41.32
C GLU B 109 -8.99 15.39 40.51
N PRO B 110 -9.79 14.36 40.83
CA PRO B 110 -11.08 14.27 40.12
C PRO B 110 -11.95 15.51 40.33
N LYS B 111 -12.81 15.78 39.35
CA LYS B 111 -13.78 16.87 39.43
C LYS B 111 -15.16 16.26 39.62
N THR B 112 -15.88 16.70 40.65
CA THR B 112 -17.28 16.29 40.82
C THR B 112 -18.21 17.47 40.51
N VAL B 113 -19.20 17.24 39.66
CA VAL B 113 -20.21 18.24 39.31
C VAL B 113 -21.58 17.70 39.75
N TYR B 114 -22.20 18.44 40.66
CA TYR B 114 -23.52 18.09 41.16
C TYR B 114 -24.62 18.55 40.21
N TRP B 115 -25.60 17.70 40.01
CA TRP B 115 -26.78 18.08 39.25
C TRP B 115 -27.52 19.24 39.96
N ASP B 116 -27.76 20.31 39.19
CA ASP B 116 -28.55 21.45 39.64
C ASP B 116 -29.70 21.48 38.66
N ARG B 117 -30.91 21.24 39.16
CA ARG B 117 -32.06 21.13 38.27
C ARG B 117 -32.41 22.42 37.49
N ASP B 118 -31.78 23.53 37.85
CA ASP B 118 -31.99 24.80 37.14
C ASP B 118 -30.93 25.06 36.07
N MET B 119 -30.09 24.08 35.75
CA MET B 119 -29.00 24.31 34.81
C MET B 119 -28.84 23.28 33.69
N GLN C 10 -8.65 -10.32 -13.16
CA GLN C 10 -8.94 -8.87 -12.91
C GLN C 10 -8.01 -7.94 -13.65
N VAL C 11 -6.76 -8.35 -13.85
CA VAL C 11 -5.82 -7.62 -14.70
C VAL C 11 -5.36 -8.57 -15.80
N ARG C 12 -5.70 -8.21 -17.03
CA ARG C 12 -5.49 -9.07 -18.21
C ARG C 12 -4.42 -8.43 -19.07
N GLN C 13 -3.33 -9.16 -19.25
CA GLN C 13 -2.19 -8.67 -19.99
C GLN C 13 -1.83 -9.70 -21.06
N SER C 14 -1.92 -9.28 -22.32
CA SER C 14 -1.47 -10.09 -23.47
C SER C 14 -0.64 -9.18 -24.39
N PRO C 15 0.19 -9.74 -25.28
CA PRO C 15 0.44 -11.16 -25.40
C PRO C 15 1.42 -11.62 -24.33
N GLN C 16 1.64 -12.93 -24.28
CA GLN C 16 2.60 -13.50 -23.36
C GLN C 16 4.02 -13.05 -23.65
N SER C 17 4.37 -12.99 -24.92
CA SER C 17 5.66 -12.48 -25.32
C SER C 17 5.52 -11.71 -26.63
N LEU C 18 6.45 -10.78 -26.82
CA LEU C 18 6.44 -9.85 -27.95
C LEU C 18 7.87 -9.54 -28.33
N THR C 19 8.16 -9.59 -29.63
CA THR C 19 9.38 -9.01 -30.16
C THR C 19 9.00 -7.76 -30.97
N VAL C 20 9.83 -6.71 -30.84
CA VAL C 20 9.71 -5.49 -31.65
C VAL C 20 11.15 -5.09 -32.04
N TRP C 21 11.28 -4.42 -33.20
CA TRP C 21 12.61 -4.10 -33.73
C TRP C 21 13.27 -2.98 -32.94
N GLU C 22 14.58 -3.08 -32.73
CA GLU C 22 15.38 -2.02 -32.11
C GLU C 22 15.18 -0.67 -32.81
N GLY C 23 14.90 0.38 -32.02
CA GLY C 23 14.54 1.68 -32.55
C GLY C 23 13.04 1.92 -32.72
N GLY C 24 12.25 0.85 -32.71
CA GLY C 24 10.82 0.95 -32.88
C GLY C 24 10.18 1.36 -31.56
N THR C 25 8.91 1.72 -31.62
CA THR C 25 8.15 1.98 -30.42
C THR C 25 7.41 0.73 -29.98
N THR C 26 7.68 0.31 -28.75
CA THR C 26 7.00 -0.86 -28.17
C THR C 26 5.67 -0.37 -27.61
N VAL C 27 4.58 -1.11 -27.93
CA VAL C 27 3.28 -0.85 -27.30
C VAL C 27 2.82 -2.08 -26.50
N LEU C 28 2.77 -1.96 -25.18
CA LEU C 28 2.25 -3.03 -24.31
C LEU C 28 0.92 -2.59 -23.77
N THR C 29 -0.09 -3.45 -23.80
CA THR C 29 -1.40 -3.07 -23.32
C THR C 29 -1.91 -3.98 -22.22
N CYS C 30 -2.82 -3.44 -21.42
CA CYS C 30 -3.47 -4.17 -20.34
C CYS C 30 -4.88 -3.71 -20.22
N SER C 31 -5.76 -4.60 -19.76
CA SER C 31 -7.11 -4.23 -19.38
C SER C 31 -7.41 -4.75 -17.98
N TYR C 32 -8.41 -4.17 -17.36
CA TYR C 32 -8.83 -4.53 -16.01
C TYR C 32 -10.36 -4.56 -15.90
N GLU C 33 -10.89 -5.34 -14.94
CA GLU C 33 -12.34 -5.51 -14.77
C GLU C 33 -12.93 -4.50 -13.78
N ASP C 34 -12.25 -4.31 -12.67
CA ASP C 34 -12.80 -3.47 -11.57
C ASP C 34 -12.65 -1.98 -11.91
N SER C 35 -13.77 -1.35 -12.27
CA SER C 35 -13.77 0.07 -12.66
C SER C 35 -13.39 1.04 -11.54
N THR C 36 -13.34 0.56 -10.30
CA THR C 36 -12.93 1.44 -9.20
C THR C 36 -11.40 1.51 -9.04
N PHE C 37 -10.63 0.60 -9.67
CA PHE C 37 -9.17 0.65 -9.61
C PHE C 37 -8.71 2.07 -9.97
N ASN C 38 -7.83 2.65 -9.15
CA ASN C 38 -7.41 4.04 -9.38
C ASN C 38 -5.92 4.34 -9.35
N TYR C 39 -5.10 3.29 -9.25
CA TYR C 39 -3.64 3.44 -9.28
C TYR C 39 -3.09 2.25 -10.05
N PHE C 40 -2.18 2.54 -10.97
CA PHE C 40 -1.72 1.57 -11.94
C PHE C 40 -0.20 1.65 -12.08
N PRO C 41 0.51 0.87 -11.27
CA PRO C 41 1.95 0.83 -11.38
C PRO C 41 2.39 -0.26 -12.36
N TRP C 42 3.38 0.02 -13.20
CA TRP C 42 4.03 -1.04 -13.98
C TRP C 42 5.36 -1.42 -13.34
N TYR C 43 5.67 -2.72 -13.30
CA TYR C 43 6.93 -3.20 -12.79
C TYR C 43 7.70 -3.87 -13.96
N GLN C 44 9.01 -3.66 -13.97
CA GLN C 44 9.90 -4.26 -14.95
C GLN C 44 10.77 -5.28 -14.26
N GLN C 45 10.92 -6.44 -14.92
CA GLN C 45 11.69 -7.54 -14.35
C GLN C 45 12.66 -8.08 -15.40
N PHE C 46 13.94 -7.85 -15.14
CA PHE C 46 15.02 -8.39 -15.99
C PHE C 46 15.28 -9.85 -15.63
N PRO C 47 15.72 -10.67 -16.62
CA PRO C 47 16.07 -12.07 -16.33
C PRO C 47 17.05 -12.22 -15.15
N GLY C 48 16.79 -13.16 -14.25
CA GLY C 48 17.60 -13.35 -13.04
C GLY C 48 17.44 -12.37 -11.88
N GLU C 49 16.54 -11.41 -12.03
CA GLU C 49 16.32 -10.36 -11.06
C GLU C 49 14.83 -10.38 -10.66
N GLY C 50 14.55 -9.63 -9.62
CA GLY C 50 13.18 -9.38 -9.17
C GLY C 50 12.55 -8.21 -9.90
N PRO C 51 11.21 -8.15 -9.90
CA PRO C 51 10.55 -6.95 -10.42
C PRO C 51 10.94 -5.68 -9.67
N ALA C 52 10.87 -4.57 -10.37
CA ALA C 52 11.07 -3.24 -9.78
C ALA C 52 10.14 -2.23 -10.44
N LEU C 53 9.69 -1.26 -9.64
CA LEU C 53 8.78 -0.24 -10.14
C LEU C 53 9.39 0.55 -11.29
N LEU C 54 8.65 0.64 -12.39
CA LEU C 54 9.10 1.32 -13.59
C LEU C 54 8.46 2.69 -13.68
N ILE C 55 7.14 2.71 -13.70
CA ILE C 55 6.36 3.95 -13.88
C ILE C 55 4.96 3.70 -13.33
N SER C 56 4.28 4.73 -12.84
CA SER C 56 2.94 4.53 -12.32
C SER C 56 2.04 5.71 -12.68
N ILE C 57 0.72 5.50 -12.63
CA ILE C 57 -0.22 6.54 -13.01
C ILE C 57 -1.49 6.42 -12.18
N LEU C 58 -2.00 7.57 -11.81
CA LEU C 58 -3.26 7.68 -11.11
C LEU C 58 -4.39 7.92 -12.11
N SER C 59 -5.60 7.48 -11.76
CA SER C 59 -6.80 7.58 -12.63
C SER C 59 -7.27 9.01 -12.93
N VAL C 60 -6.81 9.97 -12.14
CA VAL C 60 -7.02 11.40 -12.45
C VAL C 60 -6.25 11.86 -13.72
N SER C 61 -5.21 11.12 -14.12
CA SER C 61 -4.37 11.51 -15.22
C SER C 61 -4.63 10.66 -16.46
N ASP C 62 -4.27 11.21 -17.62
CA ASP C 62 -4.29 10.47 -18.89
C ASP C 62 -2.95 9.74 -19.18
N LYS C 63 -1.86 10.47 -18.87
CA LYS C 63 -0.52 9.91 -19.14
C LYS C 63 0.49 10.31 -18.09
N LYS C 64 1.56 9.52 -18.03
CA LYS C 64 2.73 9.83 -17.23
C LYS C 64 3.93 9.51 -18.10
N GLU C 65 4.88 10.43 -18.19
CA GLU C 65 6.07 10.26 -19.03
C GLU C 65 7.30 10.27 -18.14
N ASP C 66 8.23 9.36 -18.40
CA ASP C 66 9.53 9.37 -17.73
C ASP C 66 10.60 8.86 -18.71
N GLY C 67 11.33 9.80 -19.32
CA GLY C 67 12.33 9.47 -20.34
C GLY C 67 11.65 8.85 -21.56
N ARG C 68 12.09 7.64 -21.91
CA ARG C 68 11.54 6.93 -23.08
C ARG C 68 10.26 6.15 -22.84
N PHE C 69 9.77 6.17 -21.60
CA PHE C 69 8.63 5.37 -21.20
C PHE C 69 7.44 6.28 -20.92
N THR C 70 6.30 5.96 -21.54
CA THR C 70 5.03 6.63 -21.31
C THR C 70 3.96 5.59 -21.00
N THR C 71 3.22 5.80 -19.89
CA THR C 71 1.98 5.07 -19.64
C THR C 71 0.81 5.93 -19.91
N PHE C 72 -0.20 5.34 -20.56
CA PHE C 72 -1.45 6.00 -20.88
C PHE C 72 -2.57 5.26 -20.19
N PHE C 73 -3.53 6.01 -19.67
CA PHE C 73 -4.65 5.43 -18.95
C PHE C 73 -5.93 5.83 -19.66
N ASN C 74 -6.79 4.84 -19.89
CA ASN C 74 -8.06 5.04 -20.59
C ASN C 74 -9.19 4.52 -19.71
N LYS C 75 -9.83 5.41 -18.97
CA LYS C 75 -10.86 5.00 -18.00
C LYS C 75 -12.09 4.42 -18.67
N ARG C 76 -12.55 5.03 -19.76
CA ARG C 76 -13.78 4.58 -20.43
C ARG C 76 -13.68 3.12 -20.85
N GLU C 77 -12.57 2.75 -21.50
CA GLU C 77 -12.36 1.36 -21.98
C GLU C 77 -11.69 0.41 -20.96
N LYS C 78 -11.32 0.93 -19.79
CA LYS C 78 -10.62 0.19 -18.73
C LYS C 78 -9.35 -0.44 -19.29
N LYS C 79 -8.51 0.42 -19.86
CA LYS C 79 -7.32 0.02 -20.57
C LYS C 79 -6.13 0.90 -20.19
N LEU C 80 -4.97 0.29 -20.11
CA LEU C 80 -3.72 0.95 -19.81
C LEU C 80 -2.79 0.53 -20.90
N SER C 81 -1.80 1.35 -21.22
CA SER C 81 -0.72 0.88 -22.05
C SER C 81 0.59 1.50 -21.64
N LEU C 82 1.65 0.90 -22.13
CA LEU C 82 3.01 1.37 -21.90
C LEU C 82 3.66 1.51 -23.26
N HIS C 83 4.14 2.70 -23.58
CA HIS C 83 4.88 2.93 -24.81
C HIS C 83 6.34 3.13 -24.47
N ILE C 84 7.22 2.47 -25.24
CA ILE C 84 8.65 2.67 -25.10
C ILE C 84 9.17 3.17 -26.44
N ILE C 85 9.63 4.41 -26.49
CA ILE C 85 10.21 4.95 -27.72
C ILE C 85 11.68 4.56 -27.82
N ASP C 86 12.15 4.51 -29.06
CA ASP C 86 13.51 4.11 -29.38
C ASP C 86 13.89 2.90 -28.50
N SER C 87 13.13 1.80 -28.81
CA SER C 87 13.25 0.57 -27.99
C SER C 87 14.64 0.05 -28.22
N GLN C 88 15.31 -0.34 -27.15
CA GLN C 88 16.67 -0.78 -27.29
C GLN C 88 16.94 -2.09 -26.50
N PRO C 89 17.97 -2.86 -26.92
CA PRO C 89 18.15 -4.22 -26.36
C PRO C 89 18.03 -4.31 -24.84
N GLY C 90 18.57 -3.30 -24.15
CA GLY C 90 18.54 -3.23 -22.70
C GLY C 90 17.16 -3.03 -22.07
N ASP C 91 16.13 -2.78 -22.89
CA ASP C 91 14.72 -2.81 -22.48
C ASP C 91 14.11 -4.22 -22.49
N SER C 92 14.86 -5.21 -22.98
CA SER C 92 14.41 -6.60 -22.94
C SER C 92 14.16 -7.07 -21.50
N ALA C 93 12.90 -7.35 -21.20
CA ALA C 93 12.47 -7.63 -19.83
C ALA C 93 11.03 -8.08 -19.82
N THR C 94 10.56 -8.55 -18.67
CA THR C 94 9.14 -8.86 -18.51
C THR C 94 8.50 -7.63 -17.85
N TYR C 95 7.40 -7.17 -18.45
CA TYR C 95 6.68 -5.98 -17.94
C TYR C 95 5.37 -6.43 -17.36
N PHE C 96 5.12 -6.04 -16.10
CA PHE C 96 3.89 -6.35 -15.41
C PHE C 96 3.08 -5.09 -15.26
N CYS C 97 1.88 -5.12 -15.75
CA CYS C 97 0.92 -4.11 -15.38
C CYS C 97 0.29 -4.54 -14.08
N ALA C 98 -0.24 -3.55 -13.39
CA ALA C 98 -0.84 -3.81 -12.11
C ALA C 98 -1.88 -2.75 -11.80
N ALA C 99 -2.74 -3.07 -10.85
CA ALA C 99 -3.85 -2.18 -10.51
C ALA C 99 -4.33 -2.39 -9.09
N LEU C 100 -4.77 -1.29 -8.47
CA LEU C 100 -5.39 -1.37 -7.17
C LEU C 100 -6.30 -0.19 -6.93
N TYR C 101 -7.25 -0.38 -6.01
CA TYR C 101 -8.08 0.69 -5.49
C TYR C 101 -7.56 1.07 -4.09
N GLY C 102 -7.47 2.38 -3.81
CA GLY C 102 -7.25 2.81 -2.42
C GLY C 102 -5.99 2.25 -1.83
N ASN C 103 -6.08 1.69 -0.63
CA ASN C 103 -4.96 1.01 0.01
C ASN C 103 -5.09 -0.52 -0.02
N GLU C 104 -5.88 -1.04 -0.96
CA GLU C 104 -5.97 -2.47 -1.17
C GLU C 104 -4.69 -3.02 -1.75
N LYS C 105 -4.53 -4.32 -1.61
CA LYS C 105 -3.30 -4.96 -2.11
C LYS C 105 -3.29 -4.98 -3.63
N ILE C 106 -2.11 -4.75 -4.18
CA ILE C 106 -1.83 -4.79 -5.62
C ILE C 106 -2.31 -6.10 -6.29
N THR C 107 -2.89 -5.96 -7.46
CA THR C 107 -3.13 -7.12 -8.34
C THR C 107 -2.22 -6.97 -9.56
N PHE C 108 -1.42 -7.98 -9.85
CA PHE C 108 -0.52 -7.96 -11.01
C PHE C 108 -1.14 -8.72 -12.17
N GLY C 109 -0.87 -8.27 -13.39
CA GLY C 109 -1.15 -9.07 -14.58
C GLY C 109 -0.15 -10.21 -14.71
N ALA C 110 -0.31 -11.04 -15.73
CA ALA C 110 0.58 -12.20 -15.92
C ALA C 110 1.95 -11.85 -16.48
N GLY C 111 2.10 -10.64 -17.04
CA GLY C 111 3.37 -10.11 -17.49
C GLY C 111 3.59 -10.45 -18.97
N THR C 112 4.15 -9.49 -19.71
CA THR C 112 4.52 -9.69 -21.13
C THR C 112 6.04 -9.71 -21.21
N LYS C 113 6.62 -10.75 -21.82
CA LYS C 113 8.07 -10.82 -21.99
C LYS C 113 8.45 -10.12 -23.29
N LEU C 114 9.24 -9.05 -23.20
CA LEU C 114 9.60 -8.22 -24.36
C LEU C 114 11.02 -8.54 -24.78
N THR C 115 11.21 -8.78 -26.08
CA THR C 115 12.55 -8.91 -26.62
C THR C 115 12.70 -7.87 -27.72
N ILE C 116 13.73 -7.04 -27.53
CA ILE C 116 14.10 -6.05 -28.53
C ILE C 116 15.23 -6.66 -29.33
N LYS C 117 15.05 -6.77 -30.64
CA LYS C 117 16.09 -7.30 -31.54
C LYS C 117 16.39 -6.34 -32.67
N PRO C 118 17.66 -6.26 -33.10
CA PRO C 118 17.93 -5.51 -34.33
C PRO C 118 17.47 -6.27 -35.58
N ASN C 119 16.98 -5.54 -36.59
CA ASN C 119 16.83 -6.11 -37.93
C ASN C 119 18.13 -5.81 -38.70
N ILE C 120 18.90 -6.85 -38.96
CA ILE C 120 20.30 -6.69 -39.39
C ILE C 120 20.36 -6.09 -40.78
N GLN C 121 21.24 -5.13 -40.94
CA GLN C 121 21.33 -4.34 -42.15
C GLN C 121 22.01 -5.05 -43.31
N ASN C 122 23.21 -5.54 -43.09
CA ASN C 122 23.97 -6.10 -44.18
C ASN C 122 24.36 -7.54 -43.91
N PRO C 123 23.33 -8.48 -44.14
CA PRO C 123 23.71 -9.85 -43.81
C PRO C 123 24.61 -10.57 -44.80
N GLU C 124 25.52 -11.35 -44.25
CA GLU C 124 26.49 -12.12 -44.98
C GLU C 124 26.49 -13.50 -44.34
N PRO C 125 25.40 -14.31 -44.66
CA PRO C 125 25.34 -15.58 -43.94
C PRO C 125 26.47 -16.57 -44.21
N ALA C 126 26.84 -17.33 -43.20
CA ALA C 126 27.89 -18.31 -43.35
C ALA C 126 27.72 -19.39 -42.34
N VAL C 127 28.26 -20.55 -42.66
CA VAL C 127 28.24 -21.69 -41.78
C VAL C 127 29.66 -22.15 -41.50
N TYR C 128 30.01 -22.33 -40.22
CA TYR C 128 31.36 -22.72 -39.81
C TYR C 128 31.34 -23.96 -38.94
N GLN C 129 32.39 -24.76 -39.00
CA GLN C 129 32.59 -25.85 -38.05
C GLN C 129 33.64 -25.43 -37.02
N LEU C 130 33.37 -25.70 -35.75
CA LEU C 130 34.27 -25.36 -34.65
C LEU C 130 34.60 -26.66 -33.90
N LYS C 131 35.82 -26.72 -33.38
CA LYS C 131 36.33 -27.90 -32.70
C LYS C 131 36.61 -27.59 -31.22
N ASP C 132 36.34 -28.58 -30.39
CA ASP C 132 36.71 -28.54 -28.99
C ASP C 132 38.06 -29.19 -28.85
N PRO C 133 39.08 -28.30 -28.51
CA PRO C 133 40.41 -28.90 -28.54
C PRO C 133 40.69 -29.94 -27.46
N ARG C 134 39.85 -29.99 -26.45
CA ARG C 134 40.05 -30.92 -25.35
C ARG C 134 39.32 -32.21 -25.59
N SER C 135 38.97 -32.47 -26.83
CA SER C 135 38.23 -33.66 -27.17
C SER C 135 38.94 -34.38 -28.29
N GLN C 136 38.61 -35.63 -28.46
CA GLN C 136 39.17 -36.39 -29.53
C GLN C 136 38.63 -35.89 -30.82
N ASP C 137 37.30 -35.84 -30.89
CA ASP C 137 36.63 -35.59 -32.14
C ASP C 137 35.36 -34.73 -32.04
N SER C 138 35.30 -33.83 -31.10
CA SER C 138 34.06 -33.12 -30.82
C SER C 138 33.98 -31.81 -31.62
N THR C 139 32.89 -31.64 -32.37
CA THR C 139 32.69 -30.45 -33.21
C THR C 139 31.25 -29.97 -33.15
N LEU C 140 31.06 -28.70 -33.50
CA LEU C 140 29.71 -28.14 -33.66
C LEU C 140 29.68 -27.22 -34.87
N CYS C 141 28.47 -26.77 -35.20
CA CYS C 141 28.22 -25.93 -36.37
C CYS C 141 27.67 -24.61 -35.92
N LEU C 142 28.20 -23.55 -36.51
CA LEU C 142 27.79 -22.20 -36.23
C LEU C 142 27.22 -21.63 -37.52
N PHE C 143 25.95 -21.21 -37.47
CA PHE C 143 25.29 -20.50 -38.56
C PHE C 143 25.29 -19.05 -38.11
N THR C 144 25.95 -18.15 -38.84
CA THR C 144 26.10 -16.77 -38.39
C THR C 144 25.90 -15.73 -39.49
N ASP C 145 25.57 -14.51 -39.07
CA ASP C 145 25.40 -13.34 -39.95
C ASP C 145 24.28 -13.46 -40.99
N PHE C 146 23.22 -14.16 -40.62
CA PHE C 146 22.09 -14.38 -41.51
C PHE C 146 21.00 -13.34 -41.26
N ASP C 147 20.09 -13.24 -42.24
CA ASP C 147 19.01 -12.24 -42.28
C ASP C 147 18.07 -12.38 -41.09
N SER C 148 17.62 -11.25 -40.54
CA SER C 148 16.74 -11.25 -39.34
C SER C 148 15.32 -11.81 -39.55
N GLN C 149 14.90 -12.00 -40.80
CA GLN C 149 13.57 -12.54 -41.09
C GLN C 149 13.53 -14.06 -41.31
N ILE C 150 14.68 -14.68 -41.61
CA ILE C 150 14.76 -16.12 -41.91
C ILE C 150 14.48 -16.97 -40.64
N ASN C 151 13.69 -18.03 -40.80
CA ASN C 151 13.49 -19.06 -39.77
C ASN C 151 14.70 -19.97 -39.68
N VAL C 152 15.28 -20.10 -38.48
CA VAL C 152 16.34 -21.08 -38.25
C VAL C 152 15.70 -22.49 -38.32
N PRO C 153 16.25 -23.40 -39.16
CA PRO C 153 15.61 -24.74 -39.26
C PRO C 153 15.71 -25.50 -37.95
N LYS C 154 14.75 -26.38 -37.70
CA LYS C 154 14.76 -27.20 -36.49
C LYS C 154 15.18 -28.61 -36.85
N THR C 155 15.61 -29.37 -35.84
CA THR C 155 16.15 -30.70 -36.08
C THR C 155 15.09 -31.65 -36.61
N MET C 156 15.42 -32.37 -37.68
CA MET C 156 14.55 -33.37 -38.27
C MET C 156 15.12 -34.77 -37.98
N GLU C 157 15.73 -34.93 -36.80
CA GLU C 157 16.67 -36.02 -36.56
C GLU C 157 16.92 -36.25 -35.08
N SER C 158 16.87 -37.51 -34.65
CA SER C 158 17.30 -37.90 -33.30
C SER C 158 18.79 -37.66 -33.12
N GLY C 159 19.16 -37.18 -31.95
CA GLY C 159 20.55 -37.00 -31.60
C GLY C 159 21.24 -35.80 -32.23
N THR C 160 20.50 -34.94 -32.94
CA THR C 160 21.05 -33.67 -33.44
C THR C 160 20.17 -32.52 -32.93
N PHE C 161 20.81 -31.43 -32.54
CA PHE C 161 20.17 -30.34 -31.83
C PHE C 161 20.52 -29.06 -32.55
N ILE C 162 19.52 -28.20 -32.74
CA ILE C 162 19.71 -26.90 -33.37
C ILE C 162 19.04 -25.85 -32.48
N THR C 163 19.79 -24.82 -32.12
CA THR C 163 19.29 -23.79 -31.21
C THR C 163 18.52 -22.74 -31.97
N ASP C 164 17.76 -21.97 -31.22
CA ASP C 164 17.08 -20.79 -31.76
C ASP C 164 18.04 -19.65 -32.05
N LYS C 165 17.63 -18.79 -32.99
CA LYS C 165 18.31 -17.52 -33.29
C LYS C 165 18.72 -16.81 -32.00
N CYS C 166 19.98 -16.42 -31.93
CA CYS C 166 20.50 -15.65 -30.83
C CYS C 166 21.24 -14.44 -31.43
N VAL C 167 20.85 -13.23 -31.02
CA VAL C 167 21.46 -12.01 -31.56
C VAL C 167 22.50 -11.44 -30.60
N LEU C 168 23.71 -11.16 -31.09
CA LEU C 168 24.73 -10.44 -30.33
C LEU C 168 25.10 -9.10 -31.00
N ASP C 169 25.78 -8.26 -30.24
CA ASP C 169 26.18 -6.92 -30.68
C ASP C 169 27.57 -6.66 -30.13
N MET C 170 28.57 -6.69 -31.00
CA MET C 170 29.90 -6.27 -30.61
C MET C 170 29.87 -4.75 -30.60
N LYS C 171 29.70 -4.16 -29.41
CA LYS C 171 29.56 -2.71 -29.26
C LYS C 171 30.87 -1.94 -29.45
N ALA C 172 32.00 -2.66 -29.55
CA ALA C 172 33.27 -2.09 -30.04
C ALA C 172 33.06 -1.09 -31.19
N MET C 173 32.42 -1.56 -32.28
CA MET C 173 31.84 -0.69 -33.32
C MET C 173 30.42 -1.23 -33.70
N ASP C 174 29.98 -1.16 -34.96
CA ASP C 174 28.62 -1.62 -35.36
C ASP C 174 28.68 -3.02 -35.97
N SER C 175 28.51 -4.02 -35.11
CA SER C 175 28.66 -5.41 -35.50
C SER C 175 27.64 -6.27 -34.75
N LYS C 176 26.38 -6.09 -35.15
CA LYS C 176 25.28 -6.93 -34.68
C LYS C 176 25.19 -8.16 -35.59
N SER C 177 24.91 -9.33 -34.99
CA SER C 177 24.85 -10.57 -35.76
C SER C 177 23.94 -11.62 -35.15
N ASN C 178 23.07 -12.15 -36.01
CA ASN C 178 22.25 -13.32 -35.72
C ASN C 178 23.09 -14.57 -35.77
N GLY C 179 22.81 -15.52 -34.87
CA GLY C 179 23.55 -16.79 -34.85
C GLY C 179 22.75 -17.93 -34.27
N ALA C 180 23.15 -19.13 -34.64
CA ALA C 180 22.56 -20.38 -34.15
C ALA C 180 23.64 -21.44 -34.21
N ILE C 181 23.44 -22.49 -33.41
CA ILE C 181 24.43 -23.51 -33.21
C ILE C 181 23.75 -24.82 -33.44
N ALA C 182 24.49 -25.78 -33.97
CA ALA C 182 24.00 -27.14 -34.11
C ALA C 182 25.09 -28.12 -33.73
N TRP C 183 24.70 -29.20 -33.06
CA TRP C 183 25.63 -30.25 -32.70
C TRP C 183 24.88 -31.56 -32.68
N SER C 184 25.65 -32.64 -32.67
CA SER C 184 25.08 -33.96 -32.78
C SER C 184 25.90 -35.05 -32.09
N ASN C 185 25.26 -36.21 -31.93
CA ASN C 185 25.93 -37.46 -31.54
C ASN C 185 26.23 -38.36 -32.75
N GLN C 186 25.82 -37.92 -33.96
CA GLN C 186 26.21 -38.57 -35.22
C GLN C 186 27.73 -38.42 -35.42
N THR C 187 28.35 -39.44 -36.04
CA THR C 187 29.74 -39.40 -36.48
C THR C 187 29.86 -39.13 -38.01
N SER C 188 28.80 -38.59 -38.61
CA SER C 188 28.84 -38.14 -40.01
C SER C 188 27.73 -37.11 -40.23
N PHE C 189 27.98 -35.90 -39.71
CA PHE C 189 27.10 -34.74 -39.87
C PHE C 189 27.94 -33.55 -40.36
N THR C 190 27.81 -33.19 -41.64
CA THR C 190 28.47 -31.99 -42.16
C THR C 190 27.60 -30.78 -41.83
N CYS C 191 28.24 -29.63 -41.66
CA CYS C 191 27.52 -28.40 -41.28
C CYS C 191 26.71 -27.78 -42.44
N GLN C 192 27.09 -28.05 -43.69
CA GLN C 192 26.30 -27.59 -44.86
C GLN C 192 24.96 -28.32 -45.00
N ASP C 193 24.91 -29.61 -44.66
CA ASP C 193 23.64 -30.36 -44.61
C ASP C 193 22.65 -29.76 -43.61
N ILE C 194 23.08 -29.70 -42.36
CA ILE C 194 22.19 -29.43 -41.21
C ILE C 194 21.44 -28.10 -41.24
N PHE C 195 22.04 -27.09 -41.87
CA PHE C 195 21.46 -25.73 -41.97
C PHE C 195 20.84 -25.40 -43.35
N LYS C 196 20.54 -26.42 -44.16
CA LYS C 196 19.84 -26.23 -45.43
C LYS C 196 18.85 -27.36 -45.67
N ALA D 1 17.52 -2.78 1.34
CA ALA D 1 17.72 -3.96 0.47
C ALA D 1 16.82 -5.11 0.88
N VAL D 2 16.50 -5.97 -0.09
CA VAL D 2 15.76 -7.22 0.15
C VAL D 2 16.57 -8.35 -0.46
N THR D 3 17.00 -9.28 0.37
CA THR D 3 17.85 -10.38 -0.08
C THR D 3 17.23 -11.70 0.32
N GLN D 4 17.24 -12.63 -0.63
CA GLN D 4 16.66 -13.96 -0.44
C GLN D 4 17.76 -14.99 -0.38
N SER D 5 17.48 -16.07 0.33
CA SER D 5 18.42 -17.17 0.49
C SER D 5 17.62 -18.47 0.53
N PRO D 6 18.06 -19.53 -0.13
CA PRO D 6 19.15 -19.55 -1.09
C PRO D 6 18.71 -18.98 -2.43
N ARG D 7 19.66 -18.80 -3.33
CA ARG D 7 19.41 -18.36 -4.68
C ARG D 7 18.64 -19.42 -5.48
N SER D 8 18.96 -20.68 -5.17
CA SER D 8 18.35 -21.81 -5.83
C SER D 8 18.25 -22.95 -4.82
N LYS D 9 17.25 -23.79 -4.99
CA LYS D 9 17.06 -24.96 -4.13
C LYS D 9 16.58 -26.13 -4.98
N VAL D 10 17.18 -27.30 -4.77
CA VAL D 10 16.71 -28.54 -5.31
C VAL D 10 16.30 -29.39 -4.14
N ALA D 11 15.05 -29.84 -4.15
CA ALA D 11 14.48 -30.69 -3.09
C ALA D 11 13.87 -31.94 -3.63
N VAL D 12 13.79 -32.94 -2.78
CA VAL D 12 13.06 -34.17 -3.06
C VAL D 12 11.58 -34.00 -2.75
N THR D 13 10.72 -34.68 -3.51
CA THR D 13 9.29 -34.71 -3.18
C THR D 13 9.09 -35.26 -1.77
N GLY D 14 8.26 -34.56 -1.01
CA GLY D 14 8.09 -34.87 0.39
C GLY D 14 9.17 -34.35 1.32
N GLY D 15 10.15 -33.61 0.79
CA GLY D 15 11.20 -33.01 1.61
C GLY D 15 10.74 -31.65 2.15
N LYS D 16 11.47 -31.13 3.11
CA LYS D 16 11.17 -29.87 3.74
C LYS D 16 12.04 -28.81 3.10
N VAL D 17 11.45 -27.65 2.82
CA VAL D 17 12.15 -26.51 2.24
C VAL D 17 11.79 -25.24 3.02
N THR D 18 12.80 -24.46 3.36
CA THR D 18 12.60 -23.14 3.91
C THR D 18 13.32 -22.16 3.00
N LEU D 19 12.57 -21.18 2.50
CA LEU D 19 13.16 -20.05 1.78
C LEU D 19 13.15 -18.84 2.70
N SER D 20 14.27 -18.13 2.74
CA SER D 20 14.49 -17.04 3.67
C SER D 20 14.55 -15.69 2.93
N CYS D 21 14.09 -14.66 3.61
CA CYS D 21 14.14 -13.31 3.10
C CYS D 21 14.50 -12.38 4.23
N HIS D 22 15.42 -11.47 3.94
CA HIS D 22 15.93 -10.51 4.92
C HIS D 22 15.86 -9.14 4.27
N GLN D 23 15.26 -8.18 4.96
CA GLN D 23 15.18 -6.82 4.42
C GLN D 23 15.78 -5.83 5.40
N THR D 24 16.39 -4.79 4.86
CA THR D 24 16.98 -3.71 5.65
C THR D 24 16.23 -2.40 5.40
N ASN D 25 14.97 -2.49 4.95
CA ASN D 25 14.15 -1.32 4.68
C ASN D 25 13.38 -0.76 5.86
N ASN D 26 13.44 -1.46 6.99
CA ASN D 26 12.60 -1.20 8.17
C ASN D 26 11.10 -1.11 7.82
N HIS D 27 10.69 -1.99 6.89
CA HIS D 27 9.32 -2.01 6.39
C HIS D 27 8.50 -2.96 7.21
N ASP D 28 7.25 -2.59 7.52
CA ASP D 28 6.41 -3.52 8.28
C ASP D 28 5.81 -4.66 7.45
N TYR D 29 5.57 -4.44 6.15
CA TYR D 29 4.91 -5.43 5.33
C TYR D 29 5.94 -6.26 4.60
N MET D 30 5.73 -7.56 4.59
CA MET D 30 6.52 -8.49 3.79
C MET D 30 5.61 -9.49 3.09
N TYR D 31 6.08 -9.99 1.96
CA TYR D 31 5.27 -10.79 1.05
C TYR D 31 6.06 -11.90 0.42
N TRP D 32 5.41 -13.02 0.14
CA TRP D 32 6.00 -14.08 -0.69
C TRP D 32 5.10 -14.29 -1.90
N TYR D 33 5.70 -14.17 -3.09
CA TYR D 33 5.03 -14.42 -4.36
C TYR D 33 5.64 -15.62 -5.14
N ARG D 34 4.80 -16.21 -5.97
CA ARG D 34 5.16 -17.31 -6.85
C ARG D 34 5.10 -16.85 -8.30
N GLN D 35 6.11 -17.20 -9.09
CA GLN D 35 6.15 -16.92 -10.52
C GLN D 35 6.40 -18.24 -11.26
N ASP D 36 5.64 -18.47 -12.34
CA ASP D 36 5.68 -19.76 -13.05
C ASP D 36 6.07 -19.57 -14.52
N THR D 37 7.20 -20.16 -14.91
CA THR D 37 7.81 -19.99 -16.25
C THR D 37 7.88 -18.52 -16.67
N GLY D 38 8.30 -17.69 -15.72
CA GLY D 38 8.49 -16.27 -15.90
C GLY D 38 7.25 -15.41 -15.97
N HIS D 39 6.07 -15.98 -15.71
CA HIS D 39 4.79 -15.25 -15.70
C HIS D 39 4.12 -15.29 -14.34
N GLY D 40 3.38 -14.23 -14.08
CA GLY D 40 2.63 -14.12 -12.85
C GLY D 40 3.46 -13.67 -11.66
N LEU D 41 2.73 -13.07 -10.72
CA LEU D 41 3.21 -12.79 -9.40
C LEU D 41 2.03 -13.04 -8.48
N ARG D 42 1.94 -14.28 -8.00
CA ARG D 42 0.79 -14.73 -7.19
C ARG D 42 1.17 -14.77 -5.72
N LEU D 43 0.40 -14.05 -4.90
CA LEU D 43 0.67 -13.90 -3.48
C LEU D 43 0.31 -15.17 -2.71
N ILE D 44 1.30 -15.72 -2.00
CA ILE D 44 1.14 -16.95 -1.23
C ILE D 44 0.74 -16.61 0.22
N HIS D 45 1.59 -15.83 0.87
CA HIS D 45 1.43 -15.37 2.24
C HIS D 45 2.01 -13.98 2.36
N TYR D 46 1.57 -13.24 3.35
CA TYR D 46 2.18 -11.97 3.65
C TYR D 46 2.13 -11.71 5.14
N SER D 47 2.66 -10.58 5.55
CA SER D 47 2.72 -10.21 6.98
C SER D 47 2.72 -8.70 7.12
N TYR D 48 1.87 -8.19 8.02
CA TYR D 48 1.72 -6.76 8.29
CA TYR D 48 1.68 -6.77 8.34
C TYR D 48 2.57 -6.27 9.47
N VAL D 49 3.14 -7.20 10.23
CA VAL D 49 3.90 -6.84 11.44
C VAL D 49 4.72 -8.01 11.89
N ALA D 50 5.87 -7.69 12.47
CA ALA D 50 6.76 -8.69 13.05
C ALA D 50 5.92 -9.63 13.94
N ASP D 51 6.22 -10.91 13.85
CA ASP D 51 5.67 -11.93 14.72
C ASP D 51 4.22 -12.36 14.40
N SER D 52 3.72 -12.06 13.20
CA SER D 52 2.41 -12.58 12.70
C SER D 52 2.41 -12.72 11.18
N THR D 53 1.46 -13.50 10.65
CA THR D 53 1.36 -13.78 9.22
C THR D 53 -0.08 -13.87 8.82
N GLU D 54 -0.32 -13.70 7.51
CA GLU D 54 -1.64 -13.70 6.89
C GLU D 54 -1.63 -14.52 5.63
N LYS D 55 -2.71 -15.25 5.38
CA LYS D 55 -2.84 -16.04 4.14
C LYS D 55 -3.01 -15.13 2.94
N GLY D 56 -2.31 -15.43 1.84
CA GLY D 56 -2.46 -14.70 0.61
C GLY D 56 -3.50 -15.36 -0.25
N ASP D 57 -3.33 -15.26 -1.56
CA ASP D 57 -4.26 -15.88 -2.51
C ASP D 57 -4.08 -17.37 -2.78
N ILE D 58 -2.84 -17.86 -2.72
CA ILE D 58 -2.55 -19.27 -2.99
C ILE D 58 -1.75 -19.90 -1.84
N PRO D 59 -2.31 -19.89 -0.64
CA PRO D 59 -1.60 -20.39 0.54
C PRO D 59 -1.34 -21.91 0.61
N ASP D 60 -2.18 -22.69 -0.09
CA ASP D 60 -2.20 -24.14 0.13
C ASP D 60 -0.86 -24.79 -0.20
N GLY D 61 -0.36 -25.60 0.74
CA GLY D 61 0.94 -26.25 0.60
C GLY D 61 2.11 -25.46 1.16
N TYR D 62 1.86 -24.25 1.64
CA TYR D 62 2.90 -23.37 2.16
C TYR D 62 2.52 -22.86 3.51
N LYS D 63 3.51 -22.63 4.34
CA LYS D 63 3.33 -21.84 5.54
C LYS D 63 4.37 -20.72 5.59
N ALA D 64 4.11 -19.71 6.41
CA ALA D 64 5.05 -18.59 6.56
C ALA D 64 5.37 -18.32 8.01
N SER D 65 6.54 -17.73 8.23
CA SER D 65 6.99 -17.33 9.54
C SER D 65 7.63 -15.96 9.48
N ARG D 66 7.19 -15.06 10.38
CA ARG D 66 7.76 -13.72 10.52
C ARG D 66 8.33 -13.52 11.91
N PRO D 67 9.55 -14.03 12.16
CA PRO D 67 10.09 -14.00 13.55
C PRO D 67 10.61 -12.62 13.98
N SER D 68 10.79 -11.70 13.05
CA SER D 68 11.28 -10.36 13.37
C SER D 68 10.87 -9.45 12.25
N GLN D 69 11.15 -8.16 12.41
CA GLN D 69 10.78 -7.23 11.34
C GLN D 69 11.56 -7.47 10.05
N GLU D 70 12.81 -7.91 10.18
CA GLU D 70 13.69 -8.01 9.05
C GLU D 70 13.50 -9.31 8.28
N ASN D 71 12.92 -10.34 8.91
CA ASN D 71 12.92 -11.70 8.35
C ASN D 71 11.54 -12.29 8.09
N PHE D 72 11.39 -12.95 6.95
CA PHE D 72 10.14 -13.58 6.58
C PHE D 72 10.48 -14.83 5.82
N SER D 73 10.06 -15.98 6.34
CA SER D 73 10.42 -17.24 5.69
C SER D 73 9.19 -17.95 5.12
N LEU D 74 9.41 -18.67 4.01
CA LEU D 74 8.38 -19.46 3.35
C LEU D 74 8.76 -20.93 3.57
N ILE D 75 7.82 -21.69 4.13
CA ILE D 75 8.09 -23.08 4.51
C ILE D 75 7.21 -24.06 3.76
N LEU D 76 7.84 -25.07 3.13
CA LEU D 76 7.12 -26.13 2.43
C LEU D 76 7.41 -27.41 3.22
N GLU D 77 6.43 -27.91 3.97
CA GLU D 77 6.69 -29.05 4.85
C GLU D 77 6.82 -30.33 4.07
N LEU D 78 6.07 -30.46 2.97
CA LEU D 78 6.11 -31.67 2.13
C LEU D 78 6.12 -31.25 0.68
N ALA D 79 7.31 -30.95 0.18
CA ALA D 79 7.45 -30.34 -1.12
C ALA D 79 6.81 -31.22 -2.20
N SER D 80 6.00 -30.64 -3.07
CA SER D 80 5.40 -31.40 -4.15
C SER D 80 5.95 -30.94 -5.48
N LEU D 81 5.75 -31.77 -6.50
CA LEU D 81 6.19 -31.43 -7.86
C LEU D 81 5.58 -30.12 -8.37
N SER D 82 4.33 -29.88 -7.96
CA SER D 82 3.62 -28.66 -8.32
C SER D 82 4.21 -27.40 -7.74
N GLN D 83 5.12 -27.52 -6.78
CA GLN D 83 5.76 -26.35 -6.17
C GLN D 83 7.07 -25.95 -6.84
N THR D 84 7.51 -26.70 -7.86
CA THR D 84 8.55 -26.21 -8.75
C THR D 84 8.15 -24.86 -9.36
N ALA D 85 8.93 -23.82 -9.06
CA ALA D 85 8.57 -22.43 -9.44
C ALA D 85 9.69 -21.49 -8.98
N VAL D 86 9.56 -20.21 -9.29
CA VAL D 86 10.46 -19.20 -8.76
C VAL D 86 9.68 -18.34 -7.74
N TYR D 87 10.34 -18.07 -6.63
CA TYR D 87 9.70 -17.41 -5.50
C TYR D 87 10.38 -16.09 -5.25
N PHE D 88 9.59 -15.04 -5.08
CA PHE D 88 10.08 -13.70 -4.84
C PHE D 88 9.51 -13.17 -3.54
N CYS D 89 10.40 -12.63 -2.72
CA CYS D 89 10.04 -11.93 -1.48
C CYS D 89 9.97 -10.47 -1.82
N ALA D 90 9.12 -9.74 -1.09
CA ALA D 90 9.11 -8.29 -1.17
C ALA D 90 8.80 -7.68 0.19
N SER D 91 9.16 -6.41 0.33
CA SER D 91 8.76 -5.55 1.44
C SER D 91 8.05 -4.31 0.94
N SER D 92 7.27 -3.74 1.84
CA SER D 92 6.72 -2.41 1.60
C SER D 92 6.43 -1.72 2.90
N ASP D 93 6.27 -0.42 2.81
CA ASP D 93 5.80 0.40 3.91
C ASP D 93 4.31 0.08 4.13
N ALA D 94 3.82 0.34 5.32
CA ALA D 94 2.40 0.19 5.61
C ALA D 94 1.63 1.33 4.97
N GLY D 95 0.36 1.11 4.66
CA GLY D 95 -0.47 2.12 4.03
C GLY D 95 -0.85 1.71 2.63
N GLY D 96 -1.19 2.69 1.82
CA GLY D 96 -1.70 2.49 0.48
C GLY D 96 -0.67 2.84 -0.57
N ARG D 97 -0.57 2.01 -1.62
CA ARG D 97 0.17 2.35 -2.84
C ARG D 97 1.68 2.40 -2.65
N ASN D 98 2.16 1.86 -1.54
CA ASN D 98 3.57 1.90 -1.24
C ASN D 98 4.27 0.89 -2.14
N THR D 99 5.34 1.33 -2.76
CA THR D 99 6.08 0.47 -3.69
C THR D 99 6.57 -0.81 -3.03
N LEU D 100 6.47 -1.89 -3.79
CA LEU D 100 7.02 -3.17 -3.41
C LEU D 100 8.46 -3.21 -3.81
N TYR D 101 9.32 -3.58 -2.88
CA TYR D 101 10.71 -3.76 -3.12
C TYR D 101 11.01 -5.24 -3.07
N PHE D 102 11.42 -5.80 -4.20
CA PHE D 102 11.54 -7.25 -4.34
C PHE D 102 12.98 -7.73 -4.14
N GLY D 103 13.14 -8.94 -3.62
CA GLY D 103 14.39 -9.67 -3.76
C GLY D 103 14.59 -10.23 -5.15
N ALA D 104 15.76 -10.85 -5.37
CA ALA D 104 16.18 -11.30 -6.68
C ALA D 104 15.66 -12.67 -7.09
N GLY D 105 14.94 -13.35 -6.19
CA GLY D 105 14.26 -14.58 -6.54
C GLY D 105 14.98 -15.82 -6.05
N THR D 106 14.21 -16.87 -5.81
CA THR D 106 14.74 -18.20 -5.50
C THR D 106 14.09 -19.17 -6.45
N ARG D 107 14.91 -19.90 -7.21
CA ARG D 107 14.40 -20.93 -8.09
C ARG D 107 14.37 -22.27 -7.35
N LEU D 108 13.19 -22.90 -7.28
CA LEU D 108 13.00 -24.21 -6.65
C LEU D 108 12.59 -25.27 -7.64
N SER D 109 13.34 -26.38 -7.64
CA SER D 109 12.92 -27.58 -8.34
C SER D 109 12.76 -28.68 -7.34
N VAL D 110 11.61 -29.35 -7.44
CA VAL D 110 11.26 -30.50 -6.61
C VAL D 110 11.32 -31.75 -7.46
N LEU D 111 12.15 -32.73 -7.06
CA LEU D 111 12.44 -33.89 -7.87
C LEU D 111 12.04 -35.16 -7.18
N GLU D 112 11.68 -36.19 -7.94
CA GLU D 112 11.38 -37.48 -7.32
C GLU D 112 12.62 -38.13 -6.70
N ASP D 113 13.79 -37.90 -7.29
CA ASP D 113 14.99 -38.67 -6.97
C ASP D 113 16.20 -37.77 -7.19
N LEU D 114 16.89 -37.41 -6.09
CA LEU D 114 18.04 -36.52 -6.19
C LEU D 114 19.29 -37.11 -6.85
N ARG D 115 19.32 -38.41 -7.07
CA ARG D 115 20.39 -39.04 -7.82
C ARG D 115 20.41 -38.55 -9.27
N ASN D 116 19.32 -37.94 -9.74
CA ASN D 116 19.32 -37.31 -11.09
C ASN D 116 20.03 -35.97 -11.17
N VAL D 117 20.36 -35.35 -10.04
CA VAL D 117 20.98 -34.03 -10.06
C VAL D 117 22.42 -34.24 -10.53
N THR D 118 22.79 -33.50 -11.58
CA THR D 118 24.06 -33.70 -12.26
C THR D 118 24.59 -32.36 -12.76
N PRO D 119 25.86 -32.04 -12.45
CA PRO D 119 26.41 -30.83 -13.01
C PRO D 119 26.77 -30.97 -14.50
N PRO D 120 26.91 -29.82 -15.18
CA PRO D 120 27.29 -29.86 -16.60
C PRO D 120 28.73 -30.22 -16.88
N LYS D 121 28.93 -30.82 -18.05
CA LYS D 121 30.20 -30.81 -18.72
C LYS D 121 30.22 -29.49 -19.49
N VAL D 122 31.28 -28.70 -19.33
CA VAL D 122 31.43 -27.39 -20.00
C VAL D 122 32.56 -27.50 -21.03
N SER D 123 32.25 -27.17 -22.31
CA SER D 123 33.20 -27.35 -23.41
C SER D 123 33.26 -26.02 -24.16
N LEU D 124 34.48 -25.61 -24.50
CA LEU D 124 34.71 -24.37 -25.19
C LEU D 124 35.27 -24.71 -26.57
N PHE D 125 34.50 -24.35 -27.59
CA PHE D 125 34.86 -24.63 -28.98
C PHE D 125 35.51 -23.38 -29.56
N GLU D 126 36.69 -23.54 -30.14
CA GLU D 126 37.51 -22.42 -30.56
C GLU D 126 37.08 -21.95 -31.95
N PRO D 127 37.39 -20.70 -32.27
CA PRO D 127 36.84 -20.14 -33.51
C PRO D 127 37.35 -20.80 -34.77
N SER D 128 36.48 -20.82 -35.77
CA SER D 128 36.84 -21.33 -37.11
C SER D 128 37.84 -20.42 -37.79
N LYS D 129 38.87 -21.02 -38.39
CA LYS D 129 39.82 -20.30 -39.23
C LYS D 129 39.11 -19.62 -40.41
N ALA D 130 38.03 -20.21 -40.90
CA ALA D 130 37.27 -19.66 -42.03
C ALA D 130 36.58 -18.35 -41.65
N GLU D 131 36.00 -18.30 -40.44
CA GLU D 131 35.38 -17.08 -39.95
C GLU D 131 36.42 -15.98 -39.78
N ILE D 132 37.55 -16.34 -39.18
CA ILE D 132 38.61 -15.37 -38.96
C ILE D 132 39.11 -14.77 -40.29
N ALA D 133 39.43 -15.60 -41.25
CA ALA D 133 40.00 -15.08 -42.50
C ALA D 133 38.96 -14.29 -43.33
N ASN D 134 37.74 -14.79 -43.39
CA ASN D 134 36.70 -14.20 -44.25
C ASN D 134 36.00 -13.01 -43.66
N LYS D 135 35.85 -13.00 -42.33
CA LYS D 135 35.15 -11.92 -41.64
C LYS D 135 35.96 -11.10 -40.65
N GLN D 136 37.21 -11.49 -40.39
CA GLN D 136 38.07 -10.80 -39.41
C GLN D 136 37.39 -10.77 -38.07
N LYS D 137 36.60 -11.79 -37.80
CA LYS D 137 35.98 -12.02 -36.48
C LYS D 137 36.14 -13.47 -36.03
N ALA D 138 36.00 -13.66 -34.72
CA ALA D 138 36.25 -14.94 -34.09
C ALA D 138 35.16 -15.19 -33.10
N THR D 139 34.32 -16.20 -33.35
CA THR D 139 33.23 -16.55 -32.45
C THR D 139 33.69 -17.79 -31.69
N LEU D 140 33.73 -17.65 -30.36
CA LEU D 140 33.94 -18.77 -29.42
C LEU D 140 32.58 -19.27 -29.02
N VAL D 141 32.44 -20.59 -28.86
CA VAL D 141 31.17 -21.16 -28.46
C VAL D 141 31.37 -22.01 -27.22
N CYS D 142 30.56 -21.71 -26.22
CA CYS D 142 30.53 -22.50 -24.98
C CYS D 142 29.29 -23.36 -24.94
N LEU D 143 29.47 -24.65 -24.67
CA LEU D 143 28.38 -25.59 -24.61
C LEU D 143 28.41 -26.28 -23.25
N ALA D 144 27.30 -26.18 -22.53
CA ALA D 144 27.12 -26.87 -21.25
C ALA D 144 26.16 -28.02 -21.53
N ARG D 145 26.56 -29.24 -21.24
CA ARG D 145 25.72 -30.39 -21.56
C ARG D 145 25.58 -31.28 -20.38
N GLY D 146 24.47 -32.00 -20.35
CA GLY D 146 24.34 -33.13 -19.44
C GLY D 146 23.97 -32.73 -18.03
N PHE D 147 23.39 -31.55 -17.85
CA PHE D 147 23.04 -31.06 -16.49
C PHE D 147 21.56 -31.23 -16.14
N PHE D 148 21.30 -31.36 -14.83
CA PHE D 148 19.93 -31.47 -14.33
C PHE D 148 19.89 -31.07 -12.86
N PRO D 149 18.89 -30.31 -12.40
CA PRO D 149 17.85 -29.64 -13.19
C PRO D 149 18.44 -28.42 -13.90
N ASP D 150 17.61 -27.54 -14.45
CA ASP D 150 18.21 -26.46 -15.27
C ASP D 150 18.45 -25.15 -14.54
N HIS D 151 19.10 -25.24 -13.39
CA HIS D 151 19.45 -24.08 -12.62
C HIS D 151 20.88 -23.74 -12.99
N VAL D 152 21.07 -23.14 -14.17
CA VAL D 152 22.38 -22.70 -14.59
C VAL D 152 22.39 -21.25 -14.99
N GLU D 153 23.52 -20.61 -14.71
CA GLU D 153 23.81 -19.25 -15.16
C GLU D 153 25.17 -19.25 -15.86
N LEU D 154 25.20 -18.79 -17.10
CA LEU D 154 26.44 -18.78 -17.89
C LEU D 154 26.95 -17.36 -18.04
N SER D 155 28.25 -17.18 -17.83
CA SER D 155 28.90 -15.88 -17.95
C SER D 155 30.24 -16.02 -18.68
N TRP D 156 30.65 -14.95 -19.35
CA TRP D 156 31.93 -14.91 -20.07
C TRP D 156 32.85 -13.92 -19.37
N TRP D 157 34.12 -14.28 -19.28
CA TRP D 157 35.14 -13.52 -18.61
C TRP D 157 36.32 -13.36 -19.57
N VAL D 158 36.66 -12.11 -19.91
CA VAL D 158 37.80 -11.83 -20.78
C VAL D 158 38.81 -11.07 -19.97
N ASN D 159 40.01 -11.63 -19.86
CA ASN D 159 41.08 -11.05 -19.05
C ASN D 159 40.63 -10.76 -17.61
N GLY D 160 39.90 -11.71 -17.04
CA GLY D 160 39.46 -11.63 -15.64
C GLY D 160 38.27 -10.73 -15.33
N LYS D 161 37.63 -10.21 -16.37
CA LYS D 161 36.54 -9.25 -16.23
C LYS D 161 35.33 -9.78 -16.97
N GLU D 162 34.16 -9.68 -16.34
CA GLU D 162 32.94 -10.18 -16.95
C GLU D 162 32.55 -9.30 -18.14
N VAL D 163 32.16 -9.92 -19.25
CA VAL D 163 31.78 -9.16 -20.45
C VAL D 163 30.33 -9.42 -20.84
N HIS D 164 29.70 -8.39 -21.38
CA HIS D 164 28.36 -8.52 -21.97
C HIS D 164 28.32 -8.20 -23.47
N SER D 165 29.18 -7.29 -23.92
CA SER D 165 29.22 -6.96 -25.34
C SER D 165 29.73 -8.17 -26.13
N GLY D 166 29.12 -8.44 -27.28
CA GLY D 166 29.54 -9.53 -28.14
C GLY D 166 29.13 -10.91 -27.69
N VAL D 167 28.16 -11.00 -26.76
CA VAL D 167 27.70 -12.29 -26.21
C VAL D 167 26.24 -12.51 -26.55
N CYS D 168 25.89 -13.73 -26.94
CA CYS D 168 24.49 -14.17 -26.92
C CYS D 168 24.41 -15.54 -26.30
N THR D 169 23.61 -15.66 -25.23
CA THR D 169 23.39 -16.92 -24.52
C THR D 169 21.94 -17.33 -24.78
N ASP D 170 21.73 -18.63 -25.06
CA ASP D 170 20.38 -19.17 -25.26
C ASP D 170 19.54 -18.75 -24.05
N PRO D 171 18.33 -18.22 -24.28
CA PRO D 171 17.48 -17.80 -23.15
C PRO D 171 16.94 -18.96 -22.34
N GLN D 172 16.82 -20.13 -22.97
CA GLN D 172 16.28 -21.33 -22.33
C GLN D 172 17.17 -22.53 -22.60
N ALA D 173 17.40 -23.35 -21.57
CA ALA D 173 18.11 -24.63 -21.76
C ALA D 173 17.32 -25.55 -22.69
N TYR D 174 18.07 -26.31 -23.49
CA TYR D 174 17.52 -27.25 -24.46
C TYR D 174 17.47 -28.59 -23.72
N LYS D 175 16.29 -29.18 -23.66
CA LYS D 175 16.11 -30.46 -22.99
C LYS D 175 16.50 -31.56 -23.97
N GLU D 176 17.60 -32.26 -23.71
CA GLU D 176 18.08 -33.36 -24.57
C GLU D 176 17.38 -34.68 -24.29
N SER D 177 17.18 -34.97 -23.02
CA SER D 177 16.42 -36.15 -22.58
C SER D 177 15.72 -35.81 -21.27
N ASN D 178 15.00 -36.77 -20.69
CA ASN D 178 14.24 -36.54 -19.45
C ASN D 178 15.04 -35.80 -18.41
N TYR D 179 16.26 -36.25 -18.16
CA TYR D 179 17.05 -35.69 -17.07
C TYR D 179 18.35 -35.09 -17.55
N SER D 180 18.35 -34.47 -18.74
CA SER D 180 19.56 -33.91 -19.30
C SER D 180 19.25 -32.62 -20.08
N TYR D 181 19.82 -31.50 -19.66
CA TYR D 181 19.65 -30.23 -20.34
C TYR D 181 20.99 -29.80 -20.93
N SER D 182 20.90 -29.00 -21.98
CA SER D 182 22.03 -28.36 -22.60
C SER D 182 21.78 -26.88 -22.76
N LEU D 183 22.85 -26.10 -22.76
CA LEU D 183 22.78 -24.66 -22.97
C LEU D 183 24.00 -24.23 -23.74
N SER D 184 23.80 -23.34 -24.69
CA SER D 184 24.92 -22.75 -25.40
C SER D 184 24.99 -21.22 -25.31
N SER D 185 26.20 -20.73 -25.53
CA SER D 185 26.45 -19.32 -25.63
C SER D 185 27.58 -19.05 -26.60
N ARG D 186 27.56 -17.88 -27.21
CA ARG D 186 28.72 -17.47 -27.99
C ARG D 186 29.26 -16.09 -27.63
N LEU D 187 30.57 -15.94 -27.79
CA LEU D 187 31.28 -14.70 -27.59
C LEU D 187 32.02 -14.39 -28.89
N ARG D 188 31.77 -13.22 -29.47
CA ARG D 188 32.46 -12.82 -30.70
C ARG D 188 33.40 -11.65 -30.45
N VAL D 189 34.63 -11.81 -30.92
CA VAL D 189 35.67 -10.80 -30.79
C VAL D 189 36.28 -10.56 -32.17
N SER D 190 37.09 -9.53 -32.28
CA SER D 190 37.81 -9.31 -33.53
C SER D 190 38.89 -10.38 -33.72
N ALA D 191 39.28 -10.62 -34.97
CA ALA D 191 40.36 -11.55 -35.29
C ALA D 191 41.64 -11.11 -34.60
N THR D 192 41.94 -9.81 -34.57
CA THR D 192 43.19 -9.38 -33.92
C THR D 192 43.15 -9.59 -32.41
N PHE D 193 41.97 -9.47 -31.81
CA PHE D 193 41.83 -9.72 -30.38
C PHE D 193 42.06 -11.22 -30.07
N TRP D 194 41.45 -12.09 -30.87
CA TRP D 194 41.65 -13.54 -30.78
C TRP D 194 43.11 -13.95 -31.04
N HIS D 195 43.77 -13.27 -31.97
CA HIS D 195 45.17 -13.57 -32.32
C HIS D 195 46.21 -13.06 -31.32
N ASN D 196 45.80 -12.29 -30.31
CA ASN D 196 46.70 -11.84 -29.29
C ASN D 196 46.80 -12.88 -28.16
N PRO D 197 47.98 -13.49 -27.99
CA PRO D 197 48.13 -14.49 -26.90
C PRO D 197 48.14 -13.94 -25.45
N ARG D 198 48.18 -12.63 -25.27
CA ARG D 198 47.95 -12.04 -23.94
C ARG D 198 46.48 -12.12 -23.49
N ASN D 199 45.55 -12.35 -24.42
CA ASN D 199 44.14 -12.38 -24.09
C ASN D 199 43.64 -13.75 -23.61
N HIS D 200 42.87 -13.71 -22.54
CA HIS D 200 42.34 -14.91 -21.89
C HIS D 200 40.81 -14.88 -21.95
N PHE D 201 40.23 -16.00 -22.38
CA PHE D 201 38.80 -16.18 -22.54
C PHE D 201 38.32 -17.30 -21.61
N ARG D 202 37.25 -17.05 -20.86
CA ARG D 202 36.69 -18.08 -19.99
C ARG D 202 35.18 -18.07 -20.03
N CYS D 203 34.58 -19.23 -20.25
CA CYS D 203 33.14 -19.46 -20.12
C CYS D 203 32.92 -20.08 -18.73
N GLN D 204 32.08 -19.46 -17.91
CA GLN D 204 31.80 -19.95 -16.57
C GLN D 204 30.34 -20.36 -16.50
N VAL D 205 30.09 -21.60 -16.10
CA VAL D 205 28.75 -22.06 -15.89
C VAL D 205 28.56 -22.26 -14.40
N GLN D 206 27.66 -21.45 -13.85
CA GLN D 206 27.22 -21.57 -12.47
C GLN D 206 26.11 -22.60 -12.38
N PHE D 207 26.40 -23.75 -11.83
CA PHE D 207 25.40 -24.80 -11.67
C PHE D 207 24.88 -24.75 -10.23
N HIS D 208 23.57 -24.72 -10.07
CA HIS D 208 22.94 -24.83 -8.76
C HIS D 208 22.34 -26.21 -8.59
N GLY D 209 22.84 -26.92 -7.60
CA GLY D 209 22.49 -28.33 -7.37
C GLY D 209 22.15 -28.51 -5.90
N LEU D 210 22.78 -29.51 -5.30
CA LEU D 210 22.63 -29.79 -3.90
C LEU D 210 23.46 -28.81 -3.06
N SER D 211 23.22 -28.79 -1.76
CA SER D 211 23.93 -27.87 -0.89
C SER D 211 24.48 -28.64 0.28
N GLU D 212 25.05 -27.91 1.25
CA GLU D 212 25.50 -28.53 2.52
C GLU D 212 24.35 -29.12 3.36
N GLU D 213 23.12 -28.62 3.18
CA GLU D 213 21.91 -29.22 3.80
C GLU D 213 21.70 -30.70 3.44
N ASP D 214 22.18 -31.11 2.27
CA ASP D 214 22.03 -32.47 1.80
C ASP D 214 23.14 -33.40 2.28
N LYS D 215 22.73 -34.54 2.86
CA LYS D 215 23.65 -35.63 3.13
C LYS D 215 23.92 -36.36 1.82
N TRP D 216 25.14 -36.84 1.66
CA TRP D 216 25.52 -37.58 0.48
C TRP D 216 26.43 -38.75 0.88
N PRO D 217 26.17 -39.95 0.34
CA PRO D 217 26.97 -41.11 0.74
C PRO D 217 28.36 -41.18 0.07
N GLU D 218 29.17 -42.10 0.61
CA GLU D 218 30.63 -42.23 0.34
C GLU D 218 30.96 -42.50 -1.12
N GLY D 219 30.10 -43.26 -1.79
CA GLY D 219 30.31 -43.73 -3.17
C GLY D 219 30.83 -42.75 -4.21
N SER D 220 30.09 -41.65 -4.43
CA SER D 220 30.30 -40.74 -5.57
C SER D 220 30.44 -39.26 -5.18
N PRO D 221 30.91 -38.45 -6.14
CA PRO D 221 30.85 -36.99 -6.02
C PRO D 221 29.45 -36.47 -5.69
N LYS D 222 29.38 -35.49 -4.80
CA LYS D 222 28.10 -34.85 -4.50
C LYS D 222 27.85 -33.78 -5.55
N PRO D 223 26.66 -33.80 -6.18
CA PRO D 223 26.40 -32.79 -7.23
C PRO D 223 25.95 -31.44 -6.64
N VAL D 224 26.90 -30.79 -5.98
CA VAL D 224 26.68 -29.52 -5.31
C VAL D 224 26.70 -28.36 -6.30
N THR D 225 26.07 -27.28 -5.87
CA THR D 225 26.24 -25.98 -6.45
C THR D 225 27.74 -25.66 -6.61
N GLN D 226 28.12 -25.22 -7.80
CA GLN D 226 29.52 -24.98 -8.14
C GLN D 226 29.68 -24.22 -9.46
N ASN D 227 30.80 -23.53 -9.58
CA ASN D 227 31.19 -22.94 -10.84
C ASN D 227 32.03 -23.94 -11.61
N ILE D 228 31.72 -24.11 -12.89
CA ILE D 228 32.54 -24.97 -13.79
C ILE D 228 32.89 -24.16 -15.03
N SER D 229 34.18 -24.01 -15.28
CA SER D 229 34.69 -23.17 -16.38
C SER D 229 35.46 -23.94 -17.43
N ALA D 230 35.47 -23.39 -18.63
CA ALA D 230 36.36 -23.83 -19.71
C ALA D 230 37.01 -22.55 -20.24
N GLU D 231 38.28 -22.65 -20.63
CA GLU D 231 39.10 -21.49 -20.91
C GLU D 231 39.94 -21.67 -22.17
N ALA D 232 40.31 -20.56 -22.78
CA ALA D 232 41.21 -20.61 -23.94
C ALA D 232 41.99 -19.31 -23.94
N TRP D 233 43.26 -19.39 -24.37
CA TRP D 233 44.07 -18.21 -24.61
C TRP D 233 44.00 -17.85 -26.09
N GLY D 234 44.11 -16.55 -26.38
CA GLY D 234 44.35 -16.12 -27.76
C GLY D 234 45.62 -16.75 -28.30
N ARG D 235 45.73 -16.84 -29.62
CA ARG D 235 46.93 -17.43 -30.21
C ARG D 235 47.17 -16.80 -31.54
N ALA D 236 48.44 -16.55 -31.82
CA ALA D 236 48.88 -16.00 -33.08
C ALA D 236 49.11 -17.16 -34.05
N ASP D 237 48.03 -17.94 -34.27
CA ASP D 237 47.99 -19.13 -35.15
C ASP D 237 46.68 -19.09 -35.97
N LYS E 1 -16.54 8.37 0.68
CA LYS E 1 -15.59 7.30 1.07
C LYS E 1 -14.39 7.90 1.76
N ALA E 2 -13.80 7.09 2.64
CA ALA E 2 -12.75 7.54 3.51
C ALA E 2 -11.43 7.74 2.79
N PRO E 3 -10.57 8.62 3.33
CA PRO E 3 -9.22 8.77 2.80
C PRO E 3 -8.38 7.53 3.16
N PHE E 4 -7.21 7.43 2.55
CA PHE E 4 -6.29 6.32 2.82
C PHE E 4 -4.91 6.93 2.71
N ASN E 5 -4.10 6.70 3.73
CA ASN E 5 -2.77 7.25 3.83
C ASN E 5 -1.79 6.38 3.06
N PHE E 6 -0.69 7.03 2.70
CA PHE E 6 0.34 6.42 1.83
C PHE E 6 1.55 6.10 2.68
N ALA E 7 2.68 6.78 2.49
CA ALA E 7 3.84 6.56 3.33
C ALA E 7 3.49 6.82 4.79
N THR E 8 4.04 6.00 5.68
CA THR E 8 3.88 6.21 7.10
C THR E 8 4.63 7.45 7.55
N MET E 9 4.32 7.94 8.75
CA MET E 9 5.00 9.11 9.30
C MET E 9 6.49 8.87 9.56
C1 GOL F . -5.43 23.41 15.83
O1 GOL F . -6.23 23.89 16.92
C2 GOL F . -6.31 23.01 14.66
O2 GOL F . -7.58 23.66 14.77
C3 GOL F . -5.68 23.39 13.32
O3 GOL F . -6.55 23.05 12.23
C1 GOL G . -12.02 9.18 18.26
O1 GOL G . -12.67 8.74 19.48
C2 GOL G . -13.04 9.64 17.24
O2 GOL G . -13.45 10.97 17.57
C3 GOL G . -12.46 9.63 15.82
O3 GOL G . -13.32 10.40 14.97
C1 GOL H . 12.21 -24.31 -11.45
O1 GOL H . 11.10 -23.83 -10.71
C2 GOL H . 11.96 -24.16 -12.94
O2 GOL H . 11.23 -22.93 -13.20
C3 GOL H . 13.29 -24.16 -13.70
O3 GOL H . 13.62 -25.46 -14.19
#